data_6UJA
#
_entry.id   6UJA
#
_cell.length_a   1.00
_cell.length_b   1.00
_cell.length_c   1.00
_cell.angle_alpha   90.00
_cell.angle_beta   90.00
_cell.angle_gamma   90.00
#
_symmetry.space_group_name_H-M   'P 1'
#
loop_
_entity.id
_entity.type
_entity.pdbx_description
1 polymer 'Integrin alpha-V'
2 polymer 'Integrin beta-8'
3 polymer 'Transforming growth factor beta-1 proprotein'
4 branched alpha-D-mannopyranose-(1-2)-alpha-D-mannopyranose-(1-3)-[alpha-D-mannopyranose-(1-6)]beta-D-mannopyranose-(1-4)-2-acetamido-2-deoxy-beta-D-glucopyranose-(1-4)-2-acetamido-2-deoxy-beta-D-glucopyranose
5 branched 2-acetamido-2-deoxy-beta-D-glucopyranose-(1-4)-2-acetamido-2-deoxy-beta-D-glucopyranose
6 non-polymer 'CALCIUM ION'
7 non-polymer 2-acetamido-2-deoxy-beta-D-glucopyranose
8 non-polymer 'MAGNESIUM ION'
#
loop_
_entity_poly.entity_id
_entity_poly.type
_entity_poly.pdbx_seq_one_letter_code
_entity_poly.pdbx_strand_id
1 'polypeptide(L)'
;FNLDVDSPAEYSGPEGSYFGFAVDFFVPSASSRMFLLVGAPKANTTQPGIVEGGQVLKCDWSSTRRCQPIEFDATGNRDY
AKDDPLEFKSHQWFGASVRSKQDKILACAPLYHWRTEMKQEREPVGTCFLQDGTKTVEYAPCRSQDIDADGQGFCQGGFS
IDFTKADRVLLGGPGSFYWQGQLISDQVAEIVSKYDPNVYSIKYNNQLATRTAQAIFDDSYLGYSVAVGDFNGDGIDDFV
SGVPRAARTLGMVYIYDGKNMSSLYNFTGEQMAAYFGFSVAATDINGDDYADVFIGAPLFMDRGSDGKLQEVGQVSVSLQ
RASGDFQTTKLNGFEVFARFGSAIAPLGDLDQDGFNDIAIAAPYGGEDKKGIVYIFNGRSTGLNAVPSQILEGQWAARSM
PPSFGYSMKGATDIDKNGYPDLIVGAFGVDRAILYRARPVITVNAGLEVYPSILNQDNKTCSLPGTALKVSCFNVRFCLK
ADGKGVLPRKLNFQVELLLDKLKQKGAIRRALFLYSRSPSHSKNMTISRGGLMQCEELIAYLRDESEFRDKLTPITIFME
YRLDYRTAADTTGLQPILNQFTPANISRQAHILLDCGEDNVCKPKLEVSVDSDQKKIYIGDDNPLTLIVKAQNQGEGAYE
AELIVSIPLQADFIGVVRNNEALARLSCAFKTENQTRQVVCDLGNPMKAGTQLLAGLRFSVHQQSEMDTSVKFDLQIQSS
NLFDKVSPVVSHKVDLAVLAAVEIRGVSSPDHVFLPIPNWEHKENPETEEDVGPVVQHIYELRNNGPSSFSKAMLHLQWP
YKYNNNTLLYILHYDIDGPMNCTSDMEINPLRIKISSLQTTEKNDTVAGQGERDHLITKRDLALSEGDIHTLGCGVAQCL
KIVCQVGRLDRGKSAILYVKSLLWTETFMNKENQNHSYSLKSSASFNVIEFPYKNLPIEDITNSTLVTTNVTWGIQPAPM
PVPVWVIILAVLAGLLLLAVLVFVMYRMGFFKRVRPPQEEQEREQLQPHENGEGNSET
;
A
2 'polypeptide(L)'
;EDNRCASSNAASCARCLALGPECGWCVQEDFISGGSRSERCDIVSNLISKGCSVDSIEYPSVHVIIPTENEINTQVTPGE
VSIQLRPGAEANFMLKVHPLKKYPVDLYYLVDVSASMHNNIEKLNSVGNDLSRKMAFFSRDFRLGFGSYVDKTVSPYISI
HPERIHNQCSDYNLDCMPPHGYIHVLSLTENITEFEKAVHRQKISGNIDTPEGGFDAMLQAAVCESHIGWRKEAKRLLLV
MTDQTSHLALDSKLAGIVVPNDGNCHLKNNVYVKSTTMEHPSLGQLSEKLIDNNINVIFAVQGKQFHWYKDLLPLLPGTI
AGEIESKAANLNNLVVEAYQKLISEVKVQVENQVQGIYFNITAICPDGSRKPGMEGCRNVTSNDEVLFNVTVTMKKCDVT
GGKNYAIIKPIGFNETAKIHIHRNCSCQCEDNRGPKGKCVDETFLDSKCFQCDENKCHFDEDQFSSESCKSHKDQPVCSG
RGVCVCGKCSCHKIKLGKVYGKYCEKDDFSCPYHHGNLCAGHGECEAGRCQCFSGWEGDRCQCPSAAAQHCVNSKGQVCS
GRGTCVCGRCECTDPRSIGRFCEHCPTCYTACKENWNCMQCLHPHNLSQAILDQCKTSCALMEQQHYVDQTSECFSSPSY
LRIFFIIFIVTFLIGLLKVLIIRQVILQWNSNKIKSSSDYRVSASKKDKLILQSVCTRAVTYRREKPEEIKMDISKLNAH
ETFRCNF
;
B
3 'polypeptide(L)'
;GPLSTCKTIDMELVKRKRIEAIRGQILSKLRLASPPSQGDVPPGPLPEAVLALYNSTRDRVAGESVEPEPEPEADYYAKE
VTRVLMVESGNQIYDKFKGTPHSLYMLFNTSELREAVPEPVLLSRAELRLLRLKLKVEQHVELYQKYSNDSWRYLSNRLL
APSDSPEWLSFDVTGVVRQWLTRREAIEGFRLSAHCSCDSKDNTLHVEINGFNSGRRGDLATIHGMNRPFLLLMATPLER
AQHLHSSRHRRALDTNYCFSSTEKNCCVRQLYIDFRKDLGWKWIHEPKGYHANFCLGPCPYIWSLDTQYSKVLALYNQHN
PGASAAPCCVPQALEPLPIVYYVGRKPKVEQLSNMIVRSCKCS
;
D
#
loop_
_chem_comp.id
_chem_comp.type
_chem_comp.name
_chem_comp.formula
BMA D-saccharide, beta linking beta-D-mannopyranose 'C6 H12 O6'
CA non-polymer 'CALCIUM ION' 'Ca 2'
MAN D-saccharide, alpha linking alpha-D-mannopyranose 'C6 H12 O6'
MG non-polymer 'MAGNESIUM ION' 'Mg 2'
NAG D-saccharide, beta linking 2-acetamido-2-deoxy-beta-D-glucopyranose 'C8 H15 N O6'
#
# COMPACT_ATOMS: atom_id res chain seq x y z
N PHE A 1 -25.77 11.88 -1.63
CA PHE A 1 -27.03 11.51 -0.96
C PHE A 1 -28.08 10.95 -1.93
N ASN A 2 -27.94 11.23 -3.23
CA ASN A 2 -28.93 10.87 -4.24
C ASN A 2 -28.66 9.58 -5.02
N LEU A 3 -27.72 8.74 -4.61
CA LEU A 3 -27.58 7.50 -5.35
C LEU A 3 -28.65 6.51 -4.96
N ASP A 4 -29.17 5.79 -5.95
CA ASP A 4 -30.15 4.75 -5.70
C ASP A 4 -29.43 3.46 -5.38
N VAL A 5 -29.52 3.07 -4.11
CA VAL A 5 -28.80 1.90 -3.62
C VAL A 5 -29.78 0.78 -3.33
N ASP A 6 -31.03 1.00 -3.70
CA ASP A 6 -32.08 0.02 -3.46
C ASP A 6 -32.29 -0.87 -4.66
N SER A 7 -32.14 -0.31 -5.86
CA SER A 7 -32.29 -1.07 -7.10
C SER A 7 -31.15 -0.83 -8.12
N PRO A 8 -29.90 -1.10 -7.75
CA PRO A 8 -28.71 -0.98 -8.58
C PRO A 8 -28.63 -2.11 -9.59
N ALA A 9 -27.84 -1.92 -10.64
CA ALA A 9 -27.65 -2.98 -11.65
C ALA A 9 -26.42 -3.80 -11.33
N GLU A 10 -26.63 -5.08 -11.03
CA GLU A 10 -25.56 -5.98 -10.66
C GLU A 10 -25.09 -6.86 -11.82
N TYR A 11 -23.79 -6.85 -12.08
CA TYR A 11 -23.16 -7.62 -13.15
C TYR A 11 -22.17 -8.62 -12.56
N SER A 12 -21.97 -9.74 -13.25
CA SER A 12 -21.00 -10.72 -12.75
C SER A 12 -20.22 -11.39 -13.85
N GLY A 13 -19.02 -11.85 -13.51
CA GLY A 13 -18.16 -12.56 -14.45
C GLY A 13 -17.86 -13.97 -13.95
N PRO A 14 -16.95 -14.67 -14.62
CA PRO A 14 -16.52 -16.02 -14.32
C PRO A 14 -15.87 -16.10 -12.96
N GLU A 15 -16.11 -17.18 -12.24
CA GLU A 15 -15.52 -17.32 -10.92
C GLU A 15 -14.00 -17.34 -10.96
N GLY A 16 -13.40 -16.53 -10.11
CA GLY A 16 -11.95 -16.49 -9.95
C GLY A 16 -11.25 -15.56 -10.93
N SER A 17 -12.02 -14.91 -11.80
CA SER A 17 -11.45 -14.03 -12.82
C SER A 17 -11.10 -12.64 -12.29
N TYR A 18 -11.59 -12.30 -11.11
CA TYR A 18 -11.46 -10.96 -10.55
C TYR A 18 -12.20 -9.96 -11.41
N PHE A 19 -13.36 -10.37 -11.87
CA PHE A 19 -14.21 -9.49 -12.64
C PHE A 19 -14.56 -8.36 -11.72
N GLY A 20 -14.41 -7.14 -12.18
CA GLY A 20 -14.70 -5.99 -11.36
C GLY A 20 -13.43 -5.39 -10.78
N PHE A 21 -12.28 -5.97 -11.10
CA PHE A 21 -11.00 -5.46 -10.61
C PHE A 21 -10.82 -4.02 -11.02
N ALA A 22 -11.15 -3.71 -12.27
CA ALA A 22 -11.04 -2.36 -12.78
C ALA A 22 -12.28 -2.01 -13.58
N VAL A 23 -12.89 -0.89 -13.27
CA VAL A 23 -14.12 -0.48 -13.96
C VAL A 23 -14.03 0.91 -14.57
N ASP A 24 -14.68 1.08 -15.71
CA ASP A 24 -14.79 2.36 -16.41
C ASP A 24 -16.06 2.40 -17.24
N PHE A 25 -16.30 3.52 -17.92
CA PHE A 25 -17.43 3.65 -18.82
C PHE A 25 -16.95 3.75 -20.25
N PHE A 26 -17.75 3.26 -21.18
CA PHE A 26 -17.47 3.37 -22.60
C PHE A 26 -18.56 4.14 -23.31
N VAL A 27 -18.20 5.30 -23.85
CA VAL A 27 -19.16 6.15 -24.48
C VAL A 27 -18.71 6.63 -25.86
N PRO A 28 -19.04 5.90 -26.92
CA PRO A 28 -18.77 6.25 -28.29
C PRO A 28 -19.41 7.60 -28.52
N SER A 29 -18.77 8.44 -29.32
CA SER A 29 -19.25 9.80 -29.51
C SER A 29 -20.68 9.89 -30.03
N ALA A 30 -21.06 9.00 -30.94
CA ALA A 30 -22.40 9.09 -31.50
C ALA A 30 -22.96 7.74 -31.89
N SER A 31 -22.97 6.79 -30.96
CA SER A 31 -23.54 5.48 -31.27
C SER A 31 -24.93 5.28 -30.68
N SER A 32 -25.36 6.26 -29.88
CA SER A 32 -26.67 6.34 -29.19
C SER A 32 -26.77 5.51 -27.90
N ARG A 33 -25.84 4.58 -27.70
CA ARG A 33 -25.87 3.74 -26.51
C ARG A 33 -24.53 3.63 -25.85
N MET A 34 -24.55 3.40 -24.55
CA MET A 34 -23.35 3.36 -23.73
C MET A 34 -23.16 2.02 -23.06
N PHE A 35 -21.91 1.69 -22.81
CA PHE A 35 -21.53 0.43 -22.17
C PHE A 35 -20.65 0.64 -20.97
N LEU A 36 -20.60 -0.34 -20.11
CA LEU A 36 -19.69 -0.32 -18.99
C LEU A 36 -18.51 -1.20 -19.34
N LEU A 37 -17.32 -0.82 -18.92
CA LEU A 37 -16.15 -1.67 -19.18
C LEU A 37 -15.68 -2.29 -17.89
N VAL A 38 -15.70 -3.60 -17.82
CA VAL A 38 -15.25 -4.24 -16.62
C VAL A 38 -14.13 -5.22 -16.91
N GLY A 39 -13.00 -5.00 -16.25
CA GLY A 39 -11.85 -5.85 -16.43
C GLY A 39 -11.99 -7.12 -15.61
N ALA A 40 -11.27 -8.15 -16.03
CA ALA A 40 -11.21 -9.44 -15.35
C ALA A 40 -9.84 -10.07 -15.59
N PRO A 41 -8.81 -9.59 -14.90
CA PRO A 41 -7.39 -9.88 -15.09
C PRO A 41 -7.01 -11.34 -15.04
N LYS A 42 -7.78 -12.18 -14.37
CA LYS A 42 -7.41 -13.58 -14.29
C LYS A 42 -8.35 -14.46 -15.08
N ALA A 43 -9.12 -13.85 -15.96
CA ALA A 43 -10.06 -14.60 -16.78
C ALA A 43 -9.38 -15.57 -17.73
N ASN A 44 -10.03 -16.71 -17.99
CA ASN A 44 -9.57 -17.67 -18.98
C ASN A 44 -10.09 -17.30 -20.37
N THR A 45 -9.14 -16.91 -21.22
CA THR A 45 -9.32 -16.45 -22.58
C THR A 45 -9.38 -17.60 -23.56
N THR A 46 -9.76 -17.30 -24.79
CA THR A 46 -9.84 -18.30 -25.85
C THR A 46 -8.53 -18.43 -26.61
N GLN A 47 -7.55 -17.68 -26.17
CA GLN A 47 -6.24 -17.65 -26.80
C GLN A 47 -5.60 -19.04 -26.74
N PRO A 48 -4.89 -19.44 -27.81
CA PRO A 48 -4.35 -20.76 -28.02
C PRO A 48 -3.20 -21.10 -27.09
N GLY A 49 -3.52 -21.56 -25.89
CA GLY A 49 -2.51 -21.99 -24.94
C GLY A 49 -2.20 -20.97 -23.86
N ILE A 50 -3.04 -19.95 -23.73
CA ILE A 50 -2.79 -18.95 -22.72
C ILE A 50 -3.68 -19.18 -21.51
N VAL A 51 -3.06 -19.28 -20.34
CA VAL A 51 -3.77 -19.55 -19.10
C VAL A 51 -3.95 -18.29 -18.28
N GLU A 52 -5.19 -18.02 -17.86
CA GLU A 52 -5.50 -16.84 -17.06
C GLU A 52 -4.88 -15.58 -17.68
N GLY A 53 -5.05 -15.44 -19.00
CA GLY A 53 -4.51 -14.30 -19.73
C GLY A 53 -5.12 -12.98 -19.30
N GLY A 54 -6.39 -13.00 -18.94
CA GLY A 54 -7.10 -11.78 -18.57
C GLY A 54 -7.89 -11.23 -19.75
N GLN A 55 -9.01 -10.59 -19.46
CA GLN A 55 -9.81 -10.00 -20.52
C GLN A 55 -10.62 -8.82 -20.03
N VAL A 56 -11.11 -8.03 -20.97
CA VAL A 56 -11.97 -6.91 -20.67
C VAL A 56 -13.31 -7.15 -21.31
N LEU A 57 -14.37 -6.93 -20.57
CA LEU A 57 -15.69 -7.18 -21.12
C LEU A 57 -16.50 -5.90 -21.25
N LYS A 58 -17.22 -5.82 -22.34
CA LYS A 58 -18.08 -4.68 -22.62
C LYS A 58 -19.51 -5.06 -22.23
N CYS A 59 -20.00 -4.48 -21.13
CA CYS A 59 -21.28 -4.79 -20.52
C CYS A 59 -22.34 -3.77 -20.93
N ASP A 60 -23.52 -4.23 -21.36
CA ASP A 60 -24.61 -3.34 -21.75
C ASP A 60 -25.38 -2.90 -20.51
N TRP A 61 -26.44 -2.16 -20.69
CA TRP A 61 -27.15 -1.61 -19.55
C TRP A 61 -28.65 -1.55 -19.75
N SER A 62 -29.08 -1.00 -20.87
CA SER A 62 -30.51 -0.90 -21.10
C SER A 62 -31.05 -2.28 -21.34
N SER A 63 -32.35 -2.48 -21.10
CA SER A 63 -33.03 -3.78 -21.21
C SER A 63 -32.38 -4.82 -20.29
N THR A 64 -31.49 -5.65 -20.81
CA THR A 64 -30.85 -6.68 -20.00
C THR A 64 -29.47 -6.23 -19.54
N ARG A 65 -28.81 -7.12 -18.80
CA ARG A 65 -27.46 -6.85 -18.32
C ARG A 65 -26.52 -8.01 -18.66
N ARG A 66 -25.90 -7.94 -19.82
CA ARG A 66 -24.98 -9.00 -20.24
C ARG A 66 -23.62 -8.42 -20.63
N CYS A 67 -22.56 -9.22 -20.45
CA CYS A 67 -21.18 -8.82 -20.73
C CYS A 67 -20.56 -9.77 -21.74
N GLN A 68 -19.77 -9.21 -22.68
CA GLN A 68 -19.02 -9.97 -23.69
C GLN A 68 -17.60 -9.44 -23.78
N PRO A 69 -16.61 -10.31 -23.97
CA PRO A 69 -15.21 -9.97 -24.05
C PRO A 69 -14.91 -9.17 -25.31
N ILE A 70 -13.95 -8.28 -25.20
CA ILE A 70 -13.46 -7.52 -26.33
C ILE A 70 -12.21 -8.20 -26.85
N GLU A 71 -12.21 -8.56 -28.13
CA GLU A 71 -11.06 -9.28 -28.65
C GLU A 71 -9.93 -8.34 -29.03
N PHE A 72 -9.25 -7.83 -28.00
CA PHE A 72 -8.10 -6.96 -28.20
C PHE A 72 -6.96 -7.76 -28.77
N ASP A 73 -6.85 -8.99 -28.32
CA ASP A 73 -5.78 -9.89 -28.72
C ASP A 73 -6.33 -11.29 -28.87
N ALA A 74 -6.42 -11.76 -30.11
CA ALA A 74 -7.00 -13.06 -30.38
C ALA A 74 -5.95 -14.11 -30.71
N THR A 75 -4.68 -13.80 -30.45
CA THR A 75 -3.63 -14.77 -30.76
C THR A 75 -2.88 -15.20 -29.50
N GLY A 76 -1.87 -16.04 -29.67
CA GLY A 76 -1.12 -16.57 -28.54
C GLY A 76 0.27 -15.96 -28.46
N ASN A 77 1.24 -16.76 -28.06
CA ASN A 77 2.60 -16.28 -27.90
C ASN A 77 3.35 -16.39 -29.21
N ARG A 78 3.75 -15.25 -29.78
CA ARG A 78 4.50 -15.25 -31.02
C ARG A 78 5.89 -15.78 -30.79
N ASP A 79 6.39 -16.60 -31.70
CA ASP A 79 7.74 -17.10 -31.59
C ASP A 79 8.78 -16.08 -31.99
N TYR A 80 9.95 -16.18 -31.37
CA TYR A 80 11.11 -15.41 -31.74
C TYR A 80 11.92 -16.20 -32.75
N ALA A 81 11.98 -17.49 -32.48
CA ALA A 81 12.69 -18.45 -33.31
C ALA A 81 12.01 -19.79 -33.14
N LYS A 82 12.27 -20.74 -34.04
CA LYS A 82 11.63 -22.02 -33.88
C LYS A 82 11.83 -22.56 -32.48
N ASP A 83 10.72 -22.97 -31.87
CA ASP A 83 10.70 -23.52 -30.52
C ASP A 83 11.35 -22.59 -29.50
N ASP A 84 11.14 -21.29 -29.67
CA ASP A 84 11.70 -20.29 -28.77
C ASP A 84 10.76 -19.08 -28.72
N PRO A 85 9.85 -19.01 -27.74
CA PRO A 85 8.79 -18.02 -27.65
C PRO A 85 9.35 -16.65 -27.39
N LEU A 86 8.74 -15.63 -27.98
CA LEU A 86 9.14 -14.26 -27.78
C LEU A 86 8.53 -13.68 -26.54
N GLU A 87 7.28 -14.06 -26.31
CA GLU A 87 6.47 -13.44 -25.28
C GLU A 87 5.69 -14.44 -24.48
N PHE A 88 5.33 -14.05 -23.27
CA PHE A 88 4.57 -14.91 -22.39
C PHE A 88 3.31 -14.20 -21.89
N LYS A 89 2.18 -14.54 -22.48
CA LYS A 89 0.92 -13.88 -22.15
C LYS A 89 0.14 -14.56 -21.01
N SER A 90 0.55 -15.76 -20.62
CA SER A 90 -0.17 -16.41 -19.53
C SER A 90 0.04 -15.57 -18.29
N HIS A 91 -1.00 -15.44 -17.50
CA HIS A 91 -0.95 -14.69 -16.27
C HIS A 91 -0.46 -13.25 -16.45
N GLN A 92 -0.76 -12.62 -17.60
CA GLN A 92 -0.31 -11.24 -17.84
C GLN A 92 -1.19 -10.20 -17.15
N TRP A 93 -2.33 -10.63 -16.64
CA TRP A 93 -3.29 -9.72 -16.01
C TRP A 93 -3.83 -8.67 -16.94
N PHE A 94 -4.20 -9.06 -18.14
CA PHE A 94 -4.80 -8.12 -19.06
C PHE A 94 -6.16 -7.73 -18.56
N GLY A 95 -6.41 -6.45 -18.45
CA GLY A 95 -7.66 -5.95 -17.94
C GLY A 95 -7.46 -5.40 -16.53
N ALA A 96 -6.23 -5.46 -16.04
CA ALA A 96 -5.89 -4.93 -14.73
C ALA A 96 -6.16 -3.45 -14.66
N SER A 97 -5.97 -2.76 -15.77
CA SER A 97 -6.23 -1.34 -15.83
C SER A 97 -6.89 -0.97 -17.15
N VAL A 98 -8.09 -0.41 -17.06
CA VAL A 98 -8.86 -0.06 -18.23
C VAL A 98 -9.34 1.38 -18.15
N ARG A 99 -9.10 2.14 -19.22
CA ARG A 99 -9.59 3.51 -19.32
C ARG A 99 -10.12 3.79 -20.71
N SER A 100 -11.17 4.60 -20.81
CA SER A 100 -11.65 4.98 -22.13
C SER A 100 -12.04 6.45 -22.27
N LYS A 101 -11.75 6.99 -23.45
CA LYS A 101 -12.10 8.36 -23.83
C LYS A 101 -12.85 8.33 -25.16
N GLN A 102 -14.12 8.71 -25.14
CA GLN A 102 -14.96 8.56 -26.33
C GLN A 102 -14.92 7.11 -26.81
N ASP A 103 -14.53 6.87 -28.07
CA ASP A 103 -14.53 5.50 -28.57
C ASP A 103 -13.19 4.81 -28.41
N LYS A 104 -12.27 5.44 -27.70
CA LYS A 104 -10.93 4.90 -27.54
C LYS A 104 -10.79 4.14 -26.24
N ILE A 105 -10.56 2.84 -26.33
CA ILE A 105 -10.41 2.02 -25.12
C ILE A 105 -8.97 1.57 -24.96
N LEU A 106 -8.37 1.90 -23.84
CA LEU A 106 -7.03 1.46 -23.56
C LEU A 106 -7.03 0.46 -22.43
N ALA A 107 -6.63 -0.77 -22.71
CA ALA A 107 -6.61 -1.82 -21.70
C ALA A 107 -5.20 -2.37 -21.58
N CYS A 108 -4.70 -2.53 -20.35
CA CYS A 108 -3.32 -2.94 -20.09
C CYS A 108 -3.19 -4.28 -19.37
N ALA A 109 -1.99 -4.90 -19.55
CA ALA A 109 -1.52 -6.16 -18.97
C ALA A 109 -0.14 -5.99 -18.33
N PRO A 110 -0.08 -5.47 -17.10
CA PRO A 110 1.12 -5.09 -16.36
C PRO A 110 2.06 -6.25 -16.05
N LEU A 111 1.59 -7.49 -16.16
CA LEU A 111 2.45 -8.61 -15.81
C LEU A 111 2.92 -9.38 -17.04
N TYR A 112 2.77 -8.78 -18.21
CA TYR A 112 3.25 -9.38 -19.46
C TYR A 112 4.77 -9.52 -19.47
N HIS A 113 5.27 -10.70 -19.84
CA HIS A 113 6.72 -10.89 -19.90
C HIS A 113 7.20 -11.13 -21.32
N TRP A 114 8.46 -10.80 -21.59
CA TRP A 114 9.03 -11.16 -22.89
C TRP A 114 10.52 -11.39 -22.78
N ARG A 115 11.09 -12.04 -23.79
CA ARG A 115 12.51 -12.37 -23.74
C ARG A 115 13.51 -11.35 -24.20
N THR A 116 13.11 -10.38 -25.00
CA THR A 116 13.99 -9.41 -25.68
C THR A 116 14.79 -10.18 -26.70
N GLU A 117 15.42 -9.49 -27.64
CA GLU A 117 16.16 -10.21 -28.67
C GLU A 117 17.57 -10.59 -28.24
N MET A 118 18.17 -9.81 -27.34
CA MET A 118 19.56 -10.00 -26.97
C MET A 118 19.84 -11.36 -26.32
N LYS A 119 19.07 -11.71 -25.31
CA LYS A 119 19.24 -12.96 -24.59
C LYS A 119 17.90 -13.58 -24.29
N GLN A 120 17.86 -14.86 -24.01
CA GLN A 120 16.57 -15.51 -23.76
C GLN A 120 16.11 -15.30 -22.32
N GLU A 121 15.50 -14.15 -22.07
CA GLU A 121 15.04 -13.73 -20.74
C GLU A 121 13.53 -13.86 -20.56
N ARG A 122 13.04 -13.48 -19.38
CA ARG A 122 11.60 -13.42 -19.10
C ARG A 122 11.29 -12.20 -18.24
N GLU A 123 11.30 -11.02 -18.84
CA GLU A 123 11.19 -9.77 -18.08
C GLU A 123 9.77 -9.19 -18.14
N PRO A 124 9.20 -8.74 -17.00
CA PRO A 124 7.85 -8.22 -16.84
C PRO A 124 7.74 -6.78 -17.33
N VAL A 125 7.85 -6.62 -18.62
CA VAL A 125 7.88 -5.31 -19.23
C VAL A 125 6.52 -4.63 -19.25
N GLY A 126 5.45 -5.38 -19.47
CA GLY A 126 4.09 -4.84 -19.52
C GLY A 126 3.71 -4.32 -20.91
N THR A 127 2.47 -4.58 -21.32
CA THR A 127 1.94 -4.07 -22.61
C THR A 127 0.50 -3.58 -22.45
N CYS A 128 0.03 -2.76 -23.40
CA CYS A 128 -1.35 -2.28 -23.50
C CYS A 128 -1.87 -2.43 -24.92
N PHE A 129 -3.21 -2.50 -25.08
CA PHE A 129 -3.88 -2.48 -26.38
C PHE A 129 -4.84 -1.31 -26.47
N LEU A 130 -4.66 -0.52 -27.52
CA LEU A 130 -5.49 0.64 -27.74
C LEU A 130 -6.45 0.41 -28.89
N GLN A 131 -7.73 0.46 -28.60
CA GLN A 131 -8.75 0.22 -29.61
C GLN A 131 -9.56 1.46 -29.91
N ASP A 132 -9.63 1.83 -31.18
CA ASP A 132 -10.44 2.98 -31.59
C ASP A 132 -11.00 2.71 -32.96
N GLY A 133 -12.11 3.34 -33.30
CA GLY A 133 -12.61 3.10 -34.65
C GLY A 133 -12.83 1.61 -34.82
N THR A 134 -12.21 1.05 -35.86
CA THR A 134 -12.31 -0.37 -36.16
C THR A 134 -10.95 -1.06 -36.10
N LYS A 135 -9.97 -0.41 -35.47
CA LYS A 135 -8.62 -0.94 -35.43
C LYS A 135 -8.07 -1.03 -34.01
N THR A 136 -7.28 -2.07 -33.76
CA THR A 136 -6.63 -2.22 -32.47
C THR A 136 -5.14 -2.33 -32.66
N VAL A 137 -4.39 -1.57 -31.88
CA VAL A 137 -2.94 -1.61 -31.95
C VAL A 137 -2.32 -1.88 -30.61
N GLU A 138 -1.16 -2.52 -30.62
CA GLU A 138 -0.45 -2.80 -29.39
C GLU A 138 0.49 -1.66 -29.06
N TYR A 139 0.38 -1.19 -27.84
CA TYR A 139 1.23 -0.13 -27.33
C TYR A 139 2.11 -0.71 -26.24
N ALA A 140 3.41 -0.64 -26.43
CA ALA A 140 4.31 -1.25 -25.48
C ALA A 140 5.54 -0.40 -25.32
N PRO A 141 5.42 0.76 -24.68
CA PRO A 141 6.44 1.80 -24.63
C PRO A 141 7.73 1.39 -23.90
N CYS A 142 7.66 0.36 -23.03
CA CYS A 142 8.80 -0.15 -22.29
C CYS A 142 9.45 -1.39 -22.95
N ARG A 143 8.87 -1.90 -24.06
CA ARG A 143 9.38 -3.09 -24.74
C ARG A 143 10.45 -2.66 -25.73
N SER A 144 11.57 -2.22 -25.19
CA SER A 144 12.64 -1.62 -25.98
C SER A 144 13.95 -2.34 -25.78
N GLN A 145 15.01 -1.74 -26.28
CA GLN A 145 16.34 -2.33 -26.18
C GLN A 145 17.03 -1.90 -24.89
N ASP A 146 16.35 -1.07 -24.11
CA ASP A 146 16.85 -0.67 -22.80
C ASP A 146 16.30 -1.68 -21.82
N ILE A 147 17.01 -2.78 -21.63
CA ILE A 147 16.44 -3.93 -20.94
C ILE A 147 17.09 -4.23 -19.61
N ASP A 148 16.53 -5.21 -18.90
CA ASP A 148 17.00 -5.61 -17.57
C ASP A 148 16.53 -4.58 -16.55
N ALA A 149 16.84 -4.80 -15.28
CA ALA A 149 16.37 -3.93 -14.21
C ALA A 149 16.91 -2.52 -14.35
N ASP A 150 18.12 -2.37 -14.91
CA ASP A 150 18.72 -1.05 -15.07
C ASP A 150 17.99 -0.24 -16.12
N GLY A 151 17.23 -0.92 -16.95
CA GLY A 151 16.48 -0.33 -18.05
C GLY A 151 15.01 -0.41 -17.74
N GLN A 152 14.23 -0.75 -18.76
CA GLN A 152 12.78 -0.81 -18.65
C GLN A 152 12.31 -2.26 -18.60
N GLY A 153 13.25 -3.19 -18.41
CA GLY A 153 12.92 -4.62 -18.47
C GLY A 153 11.86 -5.00 -17.46
N PHE A 154 11.92 -4.36 -16.31
CA PHE A 154 10.95 -4.62 -15.24
C PHE A 154 9.93 -3.51 -15.05
N CYS A 155 9.72 -2.70 -16.09
CA CYS A 155 8.81 -1.56 -16.14
C CYS A 155 7.39 -1.84 -15.64
N GLN A 156 6.78 -2.96 -16.07
CA GLN A 156 5.35 -3.25 -15.85
C GLN A 156 4.50 -2.10 -16.36
N GLY A 157 4.79 -1.69 -17.58
CA GLY A 157 4.10 -0.57 -18.15
C GLY A 157 2.65 -0.94 -18.27
N GLY A 158 1.80 0.04 -18.06
CA GLY A 158 0.38 -0.20 -18.12
C GLY A 158 -0.19 -0.45 -16.74
N PHE A 159 0.68 -0.50 -15.74
CA PHE A 159 0.24 -0.70 -14.37
C PHE A 159 -0.84 0.31 -14.04
N SER A 160 -0.61 1.56 -14.43
CA SER A 160 -1.61 2.61 -14.23
C SER A 160 -1.68 3.57 -15.40
N ILE A 161 -2.89 3.78 -15.92
CA ILE A 161 -3.08 4.66 -17.07
C ILE A 161 -4.18 5.68 -16.89
N ASP A 162 -4.13 6.71 -17.74
CA ASP A 162 -5.22 7.68 -17.88
C ASP A 162 -5.16 8.32 -19.27
N PHE A 163 -6.13 9.16 -19.58
CA PHE A 163 -6.14 9.92 -20.83
C PHE A 163 -6.07 11.41 -20.58
N THR A 164 -5.30 12.07 -21.41
CA THR A 164 -5.13 13.51 -21.38
C THR A 164 -6.18 14.10 -22.30
N LYS A 165 -6.83 15.20 -21.92
CA LYS A 165 -7.90 15.78 -22.75
C LYS A 165 -7.42 16.19 -24.14
N ALA A 166 -6.11 16.27 -24.30
CA ALA A 166 -5.44 16.66 -25.54
C ALA A 166 -5.23 15.46 -26.47
N ASP A 167 -5.79 14.31 -26.09
CA ASP A 167 -5.67 13.05 -26.82
C ASP A 167 -4.27 12.49 -26.76
N ARG A 168 -3.80 12.34 -25.54
CA ARG A 168 -2.52 11.71 -25.24
C ARG A 168 -2.75 10.62 -24.21
N VAL A 169 -1.88 9.62 -24.23
CA VAL A 169 -1.97 8.54 -23.28
C VAL A 169 -0.92 8.63 -22.21
N LEU A 170 -1.35 8.71 -20.95
CA LEU A 170 -0.41 8.78 -19.84
C LEU A 170 -0.29 7.42 -19.20
N LEU A 171 0.92 6.88 -19.21
CA LEU A 171 1.14 5.55 -18.69
C LEU A 171 2.23 5.50 -17.63
N GLY A 172 1.88 4.90 -16.50
CA GLY A 172 2.84 4.69 -15.43
C GLY A 172 3.44 3.30 -15.56
N GLY A 173 4.75 3.23 -15.33
CA GLY A 173 5.52 2.00 -15.37
C GLY A 173 6.49 1.95 -14.18
N PRO A 174 5.99 1.63 -12.99
CA PRO A 174 6.60 1.81 -11.69
C PRO A 174 7.86 0.98 -11.47
N GLY A 175 8.08 -0.03 -12.30
CA GLY A 175 9.24 -0.87 -12.07
C GLY A 175 10.49 -0.44 -12.84
N SER A 176 10.39 0.62 -13.63
CA SER A 176 11.52 1.03 -14.46
C SER A 176 12.73 1.47 -13.65
N PHE A 177 13.92 1.17 -14.18
CA PHE A 177 15.17 1.62 -13.58
C PHE A 177 15.27 1.20 -12.13
N TYR A 178 15.28 -0.10 -11.89
CA TYR A 178 15.32 -0.62 -10.54
C TYR A 178 14.22 -0.01 -9.68
N TRP A 179 13.03 -0.02 -10.22
CA TRP A 179 11.87 0.46 -9.50
C TRP A 179 11.92 1.92 -9.09
N GLN A 180 12.67 2.76 -9.80
CA GLN A 180 12.56 4.19 -9.57
C GLN A 180 11.19 4.59 -10.07
N GLY A 181 10.81 3.98 -11.19
CA GLY A 181 9.55 4.20 -11.86
C GLY A 181 9.65 5.24 -12.96
N GLN A 182 8.83 5.08 -13.98
CA GLN A 182 8.83 6.00 -15.10
C GLN A 182 7.43 6.38 -15.58
N LEU A 183 7.26 7.64 -15.96
CA LEU A 183 6.03 8.02 -16.64
C LEU A 183 6.32 8.17 -18.11
N ILE A 184 5.44 7.61 -18.93
CA ILE A 184 5.55 7.73 -20.36
C ILE A 184 4.27 8.30 -20.92
N SER A 185 4.37 9.34 -21.72
CA SER A 185 3.21 9.96 -22.31
C SER A 185 3.35 10.07 -23.81
N ASP A 186 2.46 9.43 -24.54
CA ASP A 186 2.56 9.49 -25.99
C ASP A 186 1.28 10.03 -26.58
N GLN A 187 1.23 10.16 -27.89
CA GLN A 187 0.03 10.65 -28.55
C GLN A 187 -0.79 9.49 -29.06
N VAL A 188 -2.10 9.66 -29.07
CA VAL A 188 -2.91 8.61 -29.64
C VAL A 188 -2.60 8.43 -31.11
N ALA A 189 -2.42 9.54 -31.82
CA ALA A 189 -2.12 9.47 -33.24
C ALA A 189 -0.84 8.70 -33.52
N GLU A 190 0.17 8.88 -32.69
CA GLU A 190 1.44 8.19 -32.89
C GLU A 190 1.32 6.72 -32.56
N ILE A 191 0.57 6.41 -31.51
CA ILE A 191 0.42 5.02 -31.12
C ILE A 191 -0.24 4.24 -32.24
N VAL A 192 -1.27 4.81 -32.84
CA VAL A 192 -1.98 4.15 -33.91
C VAL A 192 -1.22 4.17 -35.24
N SER A 193 -0.64 5.31 -35.60
CA SER A 193 0.07 5.44 -36.87
C SER A 193 1.38 4.67 -36.91
N LYS A 194 2.22 4.84 -35.88
CA LYS A 194 3.49 4.16 -35.85
C LYS A 194 3.32 2.76 -35.30
N TYR A 195 2.66 1.93 -36.05
CA TYR A 195 2.39 0.58 -35.61
C TYR A 195 2.70 -0.43 -36.69
N ASP A 196 3.45 -1.44 -36.32
CA ASP A 196 3.81 -2.53 -37.21
C ASP A 196 3.90 -3.81 -36.38
N PRO A 197 3.03 -4.79 -36.61
CA PRO A 197 2.90 -6.00 -35.84
C PRO A 197 4.14 -6.89 -35.89
N ASN A 198 5.06 -6.60 -36.81
CA ASN A 198 6.27 -7.39 -36.95
C ASN A 198 7.44 -6.73 -36.21
N VAL A 199 7.16 -5.61 -35.56
CA VAL A 199 8.18 -4.85 -34.84
C VAL A 199 7.86 -4.85 -33.37
N TYR A 200 8.82 -5.23 -32.55
CA TYR A 200 8.53 -5.34 -31.14
C TYR A 200 8.86 -4.05 -30.42
N SER A 201 9.94 -3.38 -30.83
CA SER A 201 10.35 -2.13 -30.23
C SER A 201 10.05 -0.98 -31.18
N ILE A 202 9.14 -0.11 -30.78
CA ILE A 202 8.71 0.98 -31.65
C ILE A 202 9.01 2.34 -31.06
N LYS A 203 9.64 3.19 -31.84
CA LYS A 203 9.93 4.55 -31.42
C LYS A 203 8.80 5.46 -31.85
N TYR A 204 8.47 6.43 -31.02
CA TYR A 204 7.44 7.40 -31.33
C TYR A 204 8.08 8.78 -31.30
N ASN A 205 7.58 9.72 -32.11
CA ASN A 205 8.23 11.02 -32.20
C ASN A 205 7.79 12.07 -31.19
N ASN A 206 6.57 11.97 -30.71
CA ASN A 206 6.02 12.99 -29.82
C ASN A 206 5.87 12.48 -28.40
N GLN A 207 6.68 11.49 -28.06
CA GLN A 207 6.66 10.88 -26.74
C GLN A 207 7.45 11.69 -25.72
N LEU A 208 6.85 11.88 -24.56
CA LEU A 208 7.49 12.49 -23.43
C LEU A 208 7.71 11.41 -22.39
N ALA A 209 8.79 11.49 -21.62
CA ALA A 209 8.95 10.53 -20.56
C ALA A 209 9.94 11.02 -19.53
N THR A 210 9.85 10.45 -18.34
CA THR A 210 10.83 10.73 -17.31
C THR A 210 12.09 9.92 -17.62
N ARG A 211 13.16 10.21 -16.90
CA ARG A 211 14.44 9.55 -17.11
C ARG A 211 14.93 8.91 -15.84
N THR A 212 16.17 8.41 -15.88
CA THR A 212 16.76 7.78 -14.72
C THR A 212 17.23 8.82 -13.73
N ALA A 213 17.47 8.38 -12.52
CA ALA A 213 18.01 9.25 -11.48
C ALA A 213 18.97 8.46 -10.61
N GLN A 214 19.50 9.12 -9.59
CA GLN A 214 20.45 8.52 -8.68
C GLN A 214 19.83 7.32 -7.97
N ALA A 215 20.68 6.41 -7.50
CA ALA A 215 20.23 5.18 -6.84
C ALA A 215 19.42 5.47 -5.59
N ILE A 216 19.55 6.67 -5.03
CA ILE A 216 18.81 7.03 -3.83
C ILE A 216 17.31 7.08 -4.09
N PHE A 217 16.92 7.05 -5.37
CA PHE A 217 15.53 7.06 -5.76
C PHE A 217 15.02 5.67 -6.14
N ASP A 218 15.87 4.65 -5.96
CA ASP A 218 15.48 3.29 -6.30
C ASP A 218 14.33 2.85 -5.42
N ASP A 219 13.50 1.95 -5.93
CA ASP A 219 12.37 1.42 -5.16
C ASP A 219 11.42 2.50 -4.67
N SER A 220 11.06 3.44 -5.54
CA SER A 220 10.09 4.48 -5.19
C SER A 220 8.73 4.20 -5.84
N TYR A 221 8.78 3.46 -6.94
CA TYR A 221 7.63 3.12 -7.77
C TYR A 221 6.90 4.31 -8.37
N LEU A 222 7.63 5.23 -8.96
CA LEU A 222 6.97 6.37 -9.58
C LEU A 222 6.11 5.92 -10.74
N GLY A 223 4.88 6.41 -10.75
CA GLY A 223 3.96 6.02 -11.82
C GLY A 223 3.12 4.84 -11.35
N TYR A 224 2.97 4.73 -10.03
CA TYR A 224 2.19 3.69 -9.41
C TYR A 224 0.72 3.90 -9.74
N SER A 225 0.33 5.16 -9.71
CA SER A 225 -1.03 5.61 -9.99
C SER A 225 -0.98 6.98 -10.64
N VAL A 226 -1.78 7.19 -11.68
CA VAL A 226 -1.73 8.49 -12.34
C VAL A 226 -3.10 9.14 -12.49
N ALA A 227 -3.07 10.45 -12.70
CA ALA A 227 -4.25 11.28 -12.94
C ALA A 227 -3.83 12.49 -13.75
N VAL A 228 -4.78 13.18 -14.37
CA VAL A 228 -4.41 14.37 -15.12
C VAL A 228 -5.25 15.59 -14.76
N GLY A 229 -4.72 16.76 -15.08
CA GLY A 229 -5.46 18.01 -14.89
C GLY A 229 -4.51 19.20 -15.01
N ASP A 230 -5.07 20.39 -15.21
CA ASP A 230 -4.24 21.59 -15.40
C ASP A 230 -3.82 22.24 -14.09
N PHE A 231 -2.52 22.19 -13.80
CA PHE A 231 -1.99 22.74 -12.57
C PHE A 231 -1.04 23.92 -12.76
N ASN A 232 -1.04 24.53 -13.96
CA ASN A 232 -0.20 25.70 -14.18
C ASN A 232 -0.86 26.77 -15.06
N GLY A 233 -2.09 26.53 -15.50
CA GLY A 233 -2.84 27.53 -16.27
C GLY A 233 -2.42 27.63 -17.73
N ASP A 234 -1.88 26.57 -18.30
CA ASP A 234 -1.43 26.60 -19.69
C ASP A 234 -2.44 26.02 -20.67
N GLY A 235 -3.56 25.50 -20.16
CA GLY A 235 -4.59 24.92 -21.02
C GLY A 235 -4.27 23.47 -21.39
N ILE A 236 -3.16 22.97 -20.90
CA ILE A 236 -2.73 21.63 -21.19
C ILE A 236 -2.72 20.82 -19.91
N ASP A 237 -3.45 19.71 -19.92
CA ASP A 237 -3.50 18.86 -18.75
C ASP A 237 -2.10 18.42 -18.39
N ASP A 238 -1.78 18.48 -17.12
CA ASP A 238 -0.48 18.08 -16.64
C ASP A 238 -0.60 16.68 -16.07
N PHE A 239 0.51 16.12 -15.62
CA PHE A 239 0.52 14.74 -15.19
C PHE A 239 0.75 14.56 -13.70
N VAL A 240 -0.23 14.00 -13.01
CA VAL A 240 -0.15 13.78 -11.58
C VAL A 240 0.22 12.33 -11.35
N SER A 241 1.24 12.07 -10.56
CA SER A 241 1.67 10.69 -10.36
C SER A 241 2.05 10.35 -8.94
N GLY A 242 1.45 9.29 -8.44
CA GLY A 242 1.77 8.79 -7.12
C GLY A 242 3.09 8.05 -7.13
N VAL A 243 3.86 8.23 -6.07
CA VAL A 243 5.12 7.55 -5.88
C VAL A 243 5.23 7.05 -4.43
N PRO A 244 4.48 6.01 -4.08
CA PRO A 244 4.16 5.59 -2.72
C PRO A 244 5.33 5.20 -1.83
N ARG A 245 6.48 4.86 -2.41
CA ARG A 245 7.56 4.43 -1.55
C ARG A 245 8.71 5.45 -1.50
N ALA A 246 8.46 6.65 -2.02
CA ALA A 246 9.44 7.73 -2.08
C ALA A 246 9.74 8.34 -0.72
N ALA A 247 10.89 9.02 -0.64
CA ALA A 247 11.25 9.79 0.53
C ALA A 247 11.25 8.98 1.80
N ARG A 248 12.03 7.90 1.84
CA ARG A 248 12.11 7.06 3.02
C ARG A 248 10.74 6.55 3.35
N THR A 249 10.12 5.95 2.35
CA THR A 249 8.79 5.40 2.38
C THR A 249 7.78 6.27 3.12
N LEU A 250 7.80 7.58 2.85
CA LEU A 250 6.74 8.45 3.32
C LEU A 250 5.68 8.50 2.25
N GLY A 251 6.16 8.44 1.02
CA GLY A 251 5.33 8.53 -0.16
C GLY A 251 5.28 9.95 -0.66
N MET A 252 5.26 10.09 -1.97
CA MET A 252 5.17 11.39 -2.61
C MET A 252 4.24 11.39 -3.78
N VAL A 253 3.76 12.58 -4.13
CA VAL A 253 3.02 12.76 -5.35
C VAL A 253 3.67 13.86 -6.16
N TYR A 254 3.95 13.56 -7.40
CA TYR A 254 4.64 14.49 -8.28
C TYR A 254 3.70 15.04 -9.32
N ILE A 255 3.87 16.29 -9.67
CA ILE A 255 3.15 16.81 -10.81
C ILE A 255 4.13 17.28 -11.85
N TYR A 256 4.03 16.72 -13.04
CA TYR A 256 4.90 17.05 -14.15
C TYR A 256 4.17 17.87 -15.20
N ASP A 257 4.88 18.78 -15.82
CA ASP A 257 4.33 19.58 -16.90
C ASP A 257 3.89 18.68 -18.05
N GLY A 258 2.66 18.86 -18.51
CA GLY A 258 2.09 18.01 -19.54
C GLY A 258 2.65 18.26 -20.93
N LYS A 259 3.44 19.31 -21.09
CA LYS A 259 4.01 19.65 -22.38
C LYS A 259 5.48 19.21 -22.52
N ASN A 260 6.30 19.40 -21.46
CA ASN A 260 7.75 19.09 -21.52
C ASN A 260 8.29 18.28 -20.32
N MET A 261 7.42 17.77 -19.43
CA MET A 261 7.79 16.98 -18.23
C MET A 261 8.65 17.70 -17.20
N SER A 262 8.76 19.02 -17.28
CA SER A 262 9.44 19.72 -16.21
C SER A 262 8.64 19.53 -14.94
N SER A 263 9.31 19.24 -13.82
CA SER A 263 8.56 19.04 -12.59
C SER A 263 7.96 20.35 -12.11
N LEU A 264 6.71 20.32 -11.68
CA LEU A 264 6.03 21.52 -11.22
C LEU A 264 5.81 21.53 -9.71
N TYR A 265 5.29 20.43 -9.18
CA TYR A 265 4.96 20.37 -7.76
C TYR A 265 5.37 19.04 -7.11
N ASN A 266 5.55 19.06 -5.78
CA ASN A 266 5.88 17.90 -4.96
C ASN A 266 5.07 17.91 -3.66
N PHE A 267 4.29 16.84 -3.43
CA PHE A 267 3.52 16.63 -2.19
C PHE A 267 4.19 15.50 -1.44
N THR A 268 4.37 15.63 -0.14
CA THR A 268 5.00 14.56 0.62
C THR A 268 4.15 14.16 1.82
N GLY A 269 4.09 12.86 2.09
CA GLY A 269 3.32 12.35 3.21
C GLY A 269 4.01 12.64 4.54
N GLU A 270 3.30 12.41 5.64
CA GLU A 270 3.83 12.68 6.96
C GLU A 270 4.32 11.44 7.68
N GLN A 271 3.70 10.30 7.37
CA GLN A 271 3.95 9.10 8.13
C GLN A 271 4.54 7.99 7.29
N MET A 272 5.58 7.37 7.80
CA MET A 272 6.19 6.28 7.08
C MET A 272 5.23 5.12 6.98
N ALA A 273 5.26 4.48 5.83
CA ALA A 273 4.48 3.30 5.52
C ALA A 273 2.98 3.55 5.47
N ALA A 274 2.55 4.82 5.39
CA ALA A 274 1.13 5.12 5.18
C ALA A 274 0.79 4.87 3.72
N TYR A 275 1.84 4.75 2.94
CA TYR A 275 1.79 4.50 1.51
C TYR A 275 1.03 5.63 0.80
N PHE A 276 1.41 6.86 1.16
CA PHE A 276 0.86 8.07 0.58
C PHE A 276 1.18 8.11 -0.89
N GLY A 277 0.16 8.31 -1.71
CA GLY A 277 0.33 8.34 -3.14
C GLY A 277 -0.18 7.05 -3.77
N PHE A 278 -0.73 6.15 -2.96
CA PHE A 278 -1.29 4.89 -3.48
C PHE A 278 -2.19 5.14 -4.65
N SER A 279 -3.06 6.13 -4.50
CA SER A 279 -3.98 6.49 -5.57
C SER A 279 -4.14 7.98 -5.60
N VAL A 280 -4.28 8.52 -6.79
CA VAL A 280 -4.48 9.94 -6.94
C VAL A 280 -5.63 10.25 -7.88
N ALA A 281 -6.21 11.42 -7.72
CA ALA A 281 -7.27 11.88 -8.58
C ALA A 281 -7.24 13.40 -8.67
N ALA A 282 -7.77 13.96 -9.74
CA ALA A 282 -7.84 15.40 -9.83
C ALA A 282 -9.18 15.85 -10.39
N THR A 283 -9.75 16.86 -9.76
CA THR A 283 -11.05 17.40 -10.15
C THR A 283 -11.28 18.75 -9.49
N ASP A 284 -12.12 19.58 -10.07
CA ASP A 284 -12.48 20.85 -9.43
C ASP A 284 -13.58 20.63 -8.40
N ILE A 285 -13.22 20.67 -7.13
CA ILE A 285 -14.17 20.29 -6.08
C ILE A 285 -14.80 21.50 -5.40
N ASN A 286 -14.40 22.70 -5.82
CA ASN A 286 -14.94 23.89 -5.17
C ASN A 286 -15.43 24.95 -6.14
N GLY A 287 -15.48 24.64 -7.43
CA GLY A 287 -16.04 25.56 -8.40
C GLY A 287 -15.14 26.74 -8.68
N ASP A 288 -13.83 26.55 -8.57
CA ASP A 288 -12.90 27.66 -8.78
C ASP A 288 -12.21 27.62 -10.15
N ASP A 289 -12.57 26.65 -10.98
CA ASP A 289 -11.98 26.42 -12.30
C ASP A 289 -10.52 25.97 -12.23
N TYR A 290 -10.07 25.56 -11.05
CA TYR A 290 -8.75 25.00 -10.89
C TYR A 290 -8.88 23.58 -10.35
N ALA A 291 -8.20 22.64 -11.00
CA ALA A 291 -8.23 21.26 -10.57
C ALA A 291 -7.65 21.14 -9.19
N ASP A 292 -8.26 20.32 -8.37
CA ASP A 292 -7.80 20.10 -7.02
C ASP A 292 -7.22 18.69 -6.95
N VAL A 293 -6.33 18.44 -6.00
CA VAL A 293 -5.64 17.15 -5.95
C VAL A 293 -6.02 16.31 -4.75
N PHE A 294 -6.42 15.08 -4.99
CA PHE A 294 -6.80 14.14 -3.96
C PHE A 294 -5.80 13.00 -3.87
N ILE A 295 -5.15 12.88 -2.73
CA ILE A 295 -4.11 11.85 -2.58
C ILE A 295 -4.45 10.85 -1.49
N GLY A 296 -4.53 9.58 -1.85
CA GLY A 296 -4.83 8.55 -0.87
C GLY A 296 -3.59 8.12 -0.10
N ALA A 297 -3.80 7.65 1.13
CA ALA A 297 -2.77 7.10 2.00
C ALA A 297 -3.42 6.06 2.89
N PRO A 298 -3.79 4.90 2.33
CA PRO A 298 -4.66 3.89 2.89
C PRO A 298 -4.14 3.21 4.15
N LEU A 299 -2.83 3.29 4.43
CA LEU A 299 -2.33 2.61 5.61
C LEU A 299 -2.03 3.61 6.73
N PHE A 300 -2.50 4.83 6.58
CA PHE A 300 -2.23 5.84 7.60
C PHE A 300 -2.79 5.47 8.97
N MET A 301 -1.96 5.64 10.00
CA MET A 301 -2.35 5.40 11.38
C MET A 301 -2.62 6.70 12.13
N ASP A 302 -3.81 6.80 12.67
CA ASP A 302 -4.29 7.99 13.36
C ASP A 302 -4.22 7.77 14.87
N ARG A 303 -3.31 8.44 15.55
CA ARG A 303 -3.15 8.24 16.98
C ARG A 303 -4.26 8.89 17.79
N GLY A 304 -4.71 8.18 18.81
CA GLY A 304 -5.72 8.71 19.72
C GLY A 304 -5.07 9.48 20.85
N SER A 305 -5.88 9.90 21.82
CA SER A 305 -5.40 10.71 22.94
C SER A 305 -4.53 9.93 23.92
N ASP A 306 -4.56 8.60 23.85
CA ASP A 306 -3.76 7.77 24.72
C ASP A 306 -2.47 7.32 24.04
N GLY A 307 -2.25 7.79 22.82
CA GLY A 307 -1.06 7.45 22.06
C GLY A 307 -1.23 6.18 21.24
N LYS A 308 -2.41 5.55 21.31
CA LYS A 308 -2.62 4.32 20.54
C LYS A 308 -2.85 4.66 19.09
N LEU A 309 -2.18 3.93 18.21
CA LEU A 309 -2.32 4.18 16.78
C LEU A 309 -3.26 3.20 16.11
N GLN A 310 -4.26 3.75 15.44
CA GLN A 310 -5.21 2.93 14.72
C GLN A 310 -5.04 3.11 13.22
N GLU A 311 -4.90 2.00 12.51
CA GLU A 311 -4.76 2.07 11.07
C GLU A 311 -6.12 2.28 10.46
N VAL A 312 -6.33 3.44 9.86
CA VAL A 312 -7.64 3.77 9.33
C VAL A 312 -7.61 4.15 7.86
N GLY A 313 -6.52 4.79 7.45
CA GLY A 313 -6.39 5.33 6.10
C GLY A 313 -6.70 6.82 6.11
N GLN A 314 -6.06 7.55 5.22
CA GLN A 314 -6.22 8.99 5.11
C GLN A 314 -6.25 9.47 3.67
N VAL A 315 -7.00 10.53 3.41
CA VAL A 315 -6.97 11.20 2.12
C VAL A 315 -6.59 12.67 2.29
N SER A 316 -5.56 13.08 1.57
CA SER A 316 -5.12 14.46 1.61
C SER A 316 -5.80 15.23 0.50
N VAL A 317 -6.48 16.30 0.88
CA VAL A 317 -7.22 17.08 -0.10
C VAL A 317 -6.63 18.46 -0.24
N SER A 318 -6.13 18.79 -1.42
CA SER A 318 -5.51 20.09 -1.58
C SER A 318 -6.11 20.88 -2.71
N LEU A 319 -6.51 22.10 -2.41
CA LEU A 319 -7.13 22.96 -3.39
C LEU A 319 -6.09 23.77 -4.12
N GLN A 320 -6.25 23.90 -5.41
CA GLN A 320 -5.33 24.69 -6.21
C GLN A 320 -5.73 26.15 -6.21
N ARG A 321 -4.77 27.01 -5.96
CA ARG A 321 -5.02 28.43 -5.99
C ARG A 321 -4.23 29.08 -7.11
N ALA A 322 -4.72 30.23 -7.57
CA ALA A 322 -4.14 30.93 -8.72
C ALA A 322 -2.65 31.26 -8.54
N SER A 323 -2.22 31.50 -7.32
CA SER A 323 -0.84 31.87 -7.04
C SER A 323 0.15 30.72 -7.23
N GLY A 324 -0.37 29.49 -7.38
CA GLY A 324 0.47 28.31 -7.53
C GLY A 324 0.53 27.54 -6.22
N ASP A 325 0.00 28.15 -5.18
CA ASP A 325 -0.03 27.52 -3.87
C ASP A 325 -1.17 26.53 -3.78
N PHE A 326 -1.02 25.56 -2.89
CA PHE A 326 -2.09 24.64 -2.59
C PHE A 326 -2.51 24.75 -1.14
N GLN A 327 -3.81 24.62 -0.91
CA GLN A 327 -4.39 24.67 0.42
C GLN A 327 -4.81 23.27 0.84
N THR A 328 -4.07 22.67 1.78
CA THR A 328 -4.28 21.26 2.09
C THR A 328 -4.93 21.00 3.45
N THR A 329 -5.92 20.10 3.43
CA THR A 329 -6.56 19.60 4.64
C THR A 329 -6.51 18.08 4.64
N LYS A 330 -6.91 17.45 5.75
CA LYS A 330 -6.82 16.00 5.84
C LYS A 330 -8.13 15.36 6.24
N LEU A 331 -8.51 14.33 5.51
CA LEU A 331 -9.70 13.55 5.78
C LEU A 331 -9.33 12.15 6.26
N ASN A 332 -9.71 11.80 7.48
CA ASN A 332 -9.35 10.50 8.03
C ASN A 332 -10.42 9.46 7.80
N GLY A 333 -10.02 8.19 7.83
CA GLY A 333 -10.95 7.09 7.68
C GLY A 333 -11.76 6.88 8.93
N PHE A 334 -12.72 5.96 8.86
CA PHE A 334 -13.65 5.77 9.96
C PHE A 334 -13.54 4.43 10.65
N GLU A 335 -12.92 3.46 9.98
CA GLU A 335 -12.85 2.10 10.51
C GLU A 335 -11.45 1.54 10.43
N VAL A 336 -11.10 0.73 11.42
CA VAL A 336 -9.76 0.20 11.51
C VAL A 336 -9.54 -0.95 10.53
N PHE A 337 -8.44 -0.83 9.79
CA PHE A 337 -8.01 -1.74 8.74
C PHE A 337 -8.94 -1.76 7.54
N ALA A 338 -9.79 -0.73 7.40
CA ALA A 338 -10.67 -0.66 6.25
C ALA A 338 -9.94 -0.10 5.04
N ARG A 339 -8.79 0.53 5.28
CA ARG A 339 -7.98 1.16 4.25
C ARG A 339 -8.70 2.24 3.46
N PHE A 340 -9.25 3.19 4.20
CA PHE A 340 -9.94 4.30 3.60
C PHE A 340 -8.98 5.11 2.76
N GLY A 341 -9.39 5.45 1.57
CA GLY A 341 -8.56 6.25 0.69
C GLY A 341 -7.82 5.41 -0.33
N SER A 342 -8.06 4.10 -0.33
CA SER A 342 -7.41 3.23 -1.29
C SER A 342 -7.92 3.45 -2.71
N ALA A 343 -9.06 4.08 -2.85
CA ALA A 343 -9.59 4.36 -4.19
C ALA A 343 -10.38 5.64 -4.17
N ILE A 344 -10.04 6.53 -5.09
CA ILE A 344 -10.67 7.83 -5.18
C ILE A 344 -11.23 8.03 -6.59
N ALA A 345 -12.50 8.39 -6.69
CA ALA A 345 -13.12 8.55 -8.00
C ALA A 345 -14.07 9.73 -8.06
N PRO A 346 -13.71 10.83 -8.76
CA PRO A 346 -14.52 12.00 -8.98
C PRO A 346 -15.82 11.56 -9.61
N LEU A 347 -16.92 12.12 -9.13
CA LEU A 347 -18.23 11.75 -9.63
C LEU A 347 -18.82 12.78 -10.55
N GLY A 348 -18.13 13.89 -10.69
CA GLY A 348 -18.71 15.00 -11.42
C GLY A 348 -19.72 15.61 -10.48
N ASP A 349 -20.65 16.41 -10.98
CA ASP A 349 -21.57 17.04 -10.06
C ASP A 349 -22.75 16.14 -9.78
N LEU A 350 -22.54 15.18 -8.89
CA LEU A 350 -23.49 14.12 -8.59
C LEU A 350 -24.88 14.63 -8.26
N ASP A 351 -24.95 15.69 -7.46
CA ASP A 351 -26.23 16.25 -7.05
C ASP A 351 -26.59 17.55 -7.76
N GLN A 352 -25.88 17.86 -8.84
CA GLN A 352 -26.11 19.07 -9.63
C GLN A 352 -26.23 20.33 -8.77
N ASP A 353 -25.30 20.54 -7.83
CA ASP A 353 -25.39 21.74 -7.00
C ASP A 353 -24.40 22.80 -7.42
N GLY A 354 -23.68 22.55 -8.50
CA GLY A 354 -22.67 23.45 -9.01
C GLY A 354 -21.26 23.07 -8.57
N PHE A 355 -21.16 22.12 -7.63
CA PHE A 355 -19.86 21.71 -7.15
C PHE A 355 -19.65 20.22 -7.32
N ASN A 356 -18.51 19.83 -7.83
CA ASN A 356 -18.27 18.43 -8.07
C ASN A 356 -18.20 17.67 -6.77
N ASP A 357 -18.62 16.44 -6.83
CA ASP A 357 -18.65 15.55 -5.69
C ASP A 357 -17.65 14.43 -5.92
N ILE A 358 -17.20 13.75 -4.87
CA ILE A 358 -16.20 12.70 -5.06
C ILE A 358 -16.47 11.47 -4.18
N ALA A 359 -16.17 10.28 -4.70
CA ALA A 359 -16.32 9.07 -3.90
C ALA A 359 -14.96 8.58 -3.41
N ILE A 360 -14.91 8.19 -2.15
CA ILE A 360 -13.71 7.60 -1.57
C ILE A 360 -14.04 6.26 -0.96
N ALA A 361 -13.32 5.22 -1.35
CA ALA A 361 -13.62 3.89 -0.86
C ALA A 361 -12.78 3.47 0.31
N ALA A 362 -13.31 2.49 1.03
CA ALA A 362 -12.65 1.77 2.11
C ALA A 362 -13.01 0.30 1.97
N PRO A 363 -12.37 -0.43 1.05
CA PRO A 363 -12.71 -1.73 0.54
C PRO A 363 -12.82 -2.83 1.58
N TYR A 364 -12.21 -2.63 2.75
CA TYR A 364 -12.27 -3.69 3.75
C TYR A 364 -13.09 -3.30 4.98
N GLY A 365 -13.87 -2.24 4.87
CA GLY A 365 -14.68 -1.81 6.00
C GLY A 365 -16.08 -2.43 6.01
N GLY A 366 -16.85 -2.09 7.03
CA GLY A 366 -18.22 -2.55 7.18
C GLY A 366 -18.31 -3.92 7.81
N GLU A 367 -19.52 -4.45 7.88
CA GLU A 367 -19.69 -5.76 8.48
C GLU A 367 -18.96 -6.76 7.62
N ASP A 368 -18.27 -7.69 8.25
CA ASP A 368 -17.54 -8.75 7.59
C ASP A 368 -16.56 -8.25 6.53
N LYS A 369 -16.12 -7.00 6.66
CA LYS A 369 -15.17 -6.40 5.74
C LYS A 369 -15.63 -6.51 4.29
N LYS A 370 -16.93 -6.31 4.05
CA LYS A 370 -17.50 -6.36 2.70
C LYS A 370 -17.01 -5.21 1.83
N GLY A 371 -16.76 -4.06 2.45
CA GLY A 371 -16.30 -2.86 1.75
C GLY A 371 -17.36 -1.76 1.75
N ILE A 372 -16.89 -0.53 1.94
CA ILE A 372 -17.73 0.66 1.97
C ILE A 372 -17.25 1.75 1.03
N VAL A 373 -18.18 2.37 0.34
CA VAL A 373 -17.87 3.54 -0.48
C VAL A 373 -18.54 4.78 0.12
N TYR A 374 -17.75 5.79 0.39
CA TYR A 374 -18.24 7.02 1.01
C TYR A 374 -18.41 8.13 -0.02
N ILE A 375 -19.55 8.77 -0.03
CA ILE A 375 -19.77 9.87 -0.97
C ILE A 375 -19.64 11.19 -0.27
N PHE A 376 -18.70 12.01 -0.71
CA PHE A 376 -18.44 13.32 -0.12
C PHE A 376 -18.81 14.45 -1.08
N ASN A 377 -19.73 15.30 -0.64
CA ASN A 377 -20.17 16.41 -1.47
C ASN A 377 -19.18 17.56 -1.45
N GLY A 378 -19.10 18.26 -2.57
CA GLY A 378 -18.24 19.42 -2.66
C GLY A 378 -18.97 20.67 -2.23
N ARG A 379 -18.28 21.80 -2.31
CA ARG A 379 -18.84 23.10 -1.93
C ARG A 379 -17.81 24.18 -2.21
N SER A 380 -18.20 25.44 -2.11
CA SER A 380 -17.31 26.55 -2.44
C SER A 380 -16.07 26.66 -1.57
N THR A 381 -16.08 26.04 -0.40
CA THR A 381 -14.96 26.15 0.53
C THR A 381 -14.05 24.93 0.50
N GLY A 382 -14.34 23.98 -0.37
CA GLY A 382 -13.56 22.75 -0.44
C GLY A 382 -14.43 21.56 -0.11
N LEU A 383 -13.85 20.37 -0.07
CA LEU A 383 -14.66 19.18 0.16
C LEU A 383 -15.29 19.18 1.55
N ASN A 384 -16.55 18.78 1.64
CA ASN A 384 -17.20 18.63 2.92
C ASN A 384 -16.72 17.33 3.54
N ALA A 385 -16.06 17.43 4.69
CA ALA A 385 -15.43 16.29 5.34
C ALA A 385 -16.43 15.24 5.83
N VAL A 386 -17.68 15.61 5.94
CA VAL A 386 -18.68 14.66 6.42
C VAL A 386 -19.36 13.98 5.24
N PRO A 387 -19.31 12.65 5.12
CA PRO A 387 -19.87 11.91 4.02
C PRO A 387 -21.37 12.07 4.06
N SER A 388 -21.99 12.17 2.89
CA SER A 388 -23.43 12.31 2.80
C SER A 388 -24.10 10.99 2.49
N GLN A 389 -23.37 10.06 1.90
CA GLN A 389 -23.99 8.78 1.61
C GLN A 389 -23.03 7.63 1.82
N ILE A 390 -23.57 6.54 2.35
CA ILE A 390 -22.78 5.34 2.57
C ILE A 390 -23.27 4.19 1.70
N LEU A 391 -22.36 3.67 0.89
CA LEU A 391 -22.66 2.53 0.03
C LEU A 391 -22.01 1.27 0.58
N GLU A 392 -22.80 0.29 0.96
CA GLU A 392 -22.20 -0.93 1.49
C GLU A 392 -22.26 -2.08 0.49
N GLY A 393 -21.23 -2.91 0.50
CA GLY A 393 -21.19 -4.11 -0.33
C GLY A 393 -22.26 -5.09 0.13
N GLN A 394 -22.80 -5.86 -0.81
CA GLN A 394 -23.87 -6.79 -0.52
C GLN A 394 -23.47 -8.25 -0.67
N TRP A 395 -22.18 -8.53 -0.69
CA TRP A 395 -21.74 -9.90 -0.90
C TRP A 395 -20.77 -10.33 0.18
N ALA A 396 -20.76 -11.61 0.49
CA ALA A 396 -19.84 -12.14 1.49
C ALA A 396 -18.62 -12.76 0.83
N ALA A 397 -17.51 -12.79 1.54
CA ALA A 397 -16.31 -13.40 1.02
C ALA A 397 -16.52 -14.88 0.76
N ARG A 398 -15.97 -15.36 -0.35
CA ARG A 398 -16.02 -16.77 -0.66
C ARG A 398 -14.66 -17.41 -0.41
N SER A 399 -13.61 -16.60 -0.57
CA SER A 399 -12.25 -17.07 -0.41
C SER A 399 -11.40 -15.87 -0.05
N MET A 400 -11.94 -14.71 -0.35
CA MET A 400 -11.26 -13.45 -0.08
C MET A 400 -12.31 -12.35 0.03
N PRO A 401 -12.01 -11.23 0.69
CA PRO A 401 -12.91 -10.11 0.84
C PRO A 401 -13.39 -9.60 -0.52
N PRO A 402 -14.68 -9.31 -0.69
CA PRO A 402 -15.30 -8.79 -1.89
C PRO A 402 -14.57 -7.55 -2.35
N SER A 403 -14.04 -6.81 -1.39
CA SER A 403 -13.30 -5.60 -1.71
C SER A 403 -14.17 -4.65 -2.49
N PHE A 404 -15.40 -4.46 -2.02
CA PHE A 404 -16.31 -3.53 -2.67
C PHE A 404 -15.77 -2.14 -2.53
N GLY A 405 -15.58 -1.47 -3.66
CA GLY A 405 -15.04 -0.13 -3.63
C GLY A 405 -13.57 -0.12 -4.02
N TYR A 406 -13.02 -1.29 -4.32
CA TYR A 406 -11.63 -1.37 -4.74
C TYR A 406 -11.37 -0.50 -5.95
N SER A 407 -12.29 -0.51 -6.90
CA SER A 407 -12.16 0.28 -8.12
C SER A 407 -13.48 0.97 -8.45
N MET A 408 -13.42 2.28 -8.68
CA MET A 408 -14.62 3.05 -8.95
C MET A 408 -14.45 4.02 -10.10
N LYS A 409 -15.54 4.30 -10.79
CA LYS A 409 -15.53 5.37 -11.79
C LYS A 409 -16.86 6.10 -11.84
N GLY A 410 -16.82 7.43 -11.87
CA GLY A 410 -18.04 8.20 -11.99
C GLY A 410 -17.94 9.24 -13.10
N ALA A 411 -18.81 10.25 -13.00
CA ALA A 411 -18.89 11.40 -13.90
C ALA A 411 -19.34 11.06 -15.32
N THR A 412 -20.03 9.93 -15.47
CA THR A 412 -20.64 9.58 -16.74
C THR A 412 -22.11 9.31 -16.50
N ASP A 413 -22.97 9.92 -17.30
CA ASP A 413 -24.40 9.73 -17.12
C ASP A 413 -24.92 8.68 -18.11
N ILE A 414 -25.26 7.50 -17.59
CA ILE A 414 -25.69 6.36 -18.40
C ILE A 414 -27.18 6.38 -18.66
N ASP A 415 -27.96 6.74 -17.64
CA ASP A 415 -29.41 6.76 -17.84
C ASP A 415 -29.90 8.08 -18.43
N LYS A 416 -28.95 8.94 -18.79
CA LYS A 416 -29.22 10.20 -19.47
C LYS A 416 -30.25 11.07 -18.76
N ASN A 417 -30.04 11.36 -17.48
CA ASN A 417 -31.01 12.18 -16.75
C ASN A 417 -30.38 13.45 -16.22
N GLY A 418 -29.11 13.66 -16.54
CA GLY A 418 -28.37 14.86 -16.13
C GLY A 418 -27.56 14.66 -14.86
N TYR A 419 -27.82 13.58 -14.14
CA TYR A 419 -27.13 13.30 -12.90
C TYR A 419 -26.22 12.08 -13.12
N PRO A 420 -24.90 12.24 -13.06
CA PRO A 420 -23.91 11.25 -13.42
C PRO A 420 -24.01 10.08 -12.50
N ASP A 421 -23.67 8.91 -13.00
CA ASP A 421 -23.82 7.70 -12.23
C ASP A 421 -22.46 7.21 -11.72
N LEU A 422 -22.46 6.13 -10.95
CA LEU A 422 -21.23 5.57 -10.39
C LEU A 422 -21.12 4.06 -10.49
N ILE A 423 -20.02 3.58 -11.03
CA ILE A 423 -19.80 2.14 -11.12
C ILE A 423 -18.75 1.73 -10.11
N VAL A 424 -19.09 0.71 -9.32
CA VAL A 424 -18.19 0.23 -8.29
C VAL A 424 -17.89 -1.26 -8.46
N GLY A 425 -16.60 -1.60 -8.50
CA GLY A 425 -16.20 -2.99 -8.62
C GLY A 425 -16.14 -3.67 -7.26
N ALA A 426 -16.25 -5.00 -7.27
CA ALA A 426 -16.14 -5.85 -6.09
C ALA A 426 -15.51 -7.16 -6.52
N PHE A 427 -14.24 -7.10 -6.89
CA PHE A 427 -13.60 -8.20 -7.57
C PHE A 427 -13.46 -9.47 -6.76
N GLY A 428 -13.50 -9.37 -5.44
CA GLY A 428 -13.33 -10.57 -4.62
C GLY A 428 -14.49 -11.54 -4.81
N VAL A 429 -15.60 -11.04 -5.34
CA VAL A 429 -16.77 -11.86 -5.61
C VAL A 429 -17.09 -11.90 -7.09
N ASP A 430 -16.15 -11.42 -7.90
CA ASP A 430 -16.32 -11.35 -9.35
C ASP A 430 -17.55 -10.58 -9.78
N ARG A 431 -17.80 -9.42 -9.15
CA ARG A 431 -18.96 -8.61 -9.50
C ARG A 431 -18.64 -7.14 -9.69
N ALA A 432 -19.56 -6.46 -10.36
CA ALA A 432 -19.50 -5.02 -10.55
C ALA A 432 -20.92 -4.48 -10.46
N ILE A 433 -21.08 -3.31 -9.87
CA ILE A 433 -22.42 -2.79 -9.70
C ILE A 433 -22.55 -1.32 -10.10
N LEU A 434 -23.62 -0.99 -10.82
CA LEU A 434 -23.86 0.39 -11.22
C LEU A 434 -24.95 1.07 -10.41
N TYR A 435 -24.58 2.14 -9.74
CA TYR A 435 -25.49 2.93 -8.93
C TYR A 435 -25.87 4.17 -9.71
N ARG A 436 -27.16 4.36 -9.94
CA ARG A 436 -27.58 5.51 -10.72
C ARG A 436 -28.04 6.63 -9.82
N ALA A 437 -27.75 7.86 -10.24
CA ALA A 437 -28.08 9.03 -9.45
C ALA A 437 -29.48 9.55 -9.71
N ARG A 438 -30.22 9.69 -8.63
CA ARG A 438 -31.58 10.20 -8.66
C ARG A 438 -31.59 11.70 -8.89
N PRO A 439 -32.58 12.23 -9.61
CA PRO A 439 -32.82 13.64 -9.75
C PRO A 439 -33.03 14.25 -8.39
N VAL A 440 -32.63 15.50 -8.22
CA VAL A 440 -32.77 16.16 -6.93
C VAL A 440 -33.74 17.32 -7.01
N ILE A 441 -34.70 17.31 -6.10
CA ILE A 441 -35.71 18.35 -6.05
C ILE A 441 -35.49 19.31 -4.89
N THR A 442 -35.31 20.57 -5.22
CA THR A 442 -35.13 21.59 -4.21
C THR A 442 -36.47 22.25 -4.00
N VAL A 443 -36.88 22.38 -2.75
CA VAL A 443 -38.21 22.88 -2.47
C VAL A 443 -38.24 24.18 -1.68
N ASN A 444 -39.03 25.11 -2.19
CA ASN A 444 -39.30 26.39 -1.56
C ASN A 444 -40.68 26.35 -0.94
N ALA A 445 -40.73 26.18 0.37
CA ALA A 445 -42.01 26.07 1.06
C ALA A 445 -42.26 27.35 1.85
N GLY A 446 -43.35 28.03 1.52
CA GLY A 446 -43.69 29.30 2.15
C GLY A 446 -44.73 29.09 3.25
N LEU A 447 -44.71 29.96 4.24
CA LEU A 447 -45.67 29.91 5.34
C LEU A 447 -45.83 31.29 5.98
N GLU A 448 -47.06 31.76 6.09
CA GLU A 448 -47.38 33.06 6.68
C GLU A 448 -48.64 33.01 7.53
N VAL A 449 -48.74 33.87 8.55
CA VAL A 449 -49.98 33.95 9.30
C VAL A 449 -50.49 35.38 9.36
N TYR A 450 -51.79 35.55 9.10
CA TYR A 450 -52.43 36.84 9.09
C TYR A 450 -53.62 36.97 10.04
N PRO A 451 -53.53 37.79 11.09
CA PRO A 451 -52.40 38.52 11.65
C PRO A 451 -51.54 37.60 12.50
N SER A 452 -50.32 38.03 12.80
CA SER A 452 -49.52 37.33 13.78
C SER A 452 -49.94 37.72 15.20
N ILE A 453 -50.58 38.88 15.34
CA ILE A 453 -51.05 39.33 16.65
C ILE A 453 -52.57 39.38 16.72
N LEU A 454 -53.11 38.66 17.69
CA LEU A 454 -54.54 38.59 17.91
C LEU A 454 -54.82 38.34 19.38
N ASN A 455 -56.09 38.27 19.74
CA ASN A 455 -56.43 37.97 21.12
C ASN A 455 -57.74 37.18 21.17
N GLN A 456 -58.09 36.72 22.36
CA GLN A 456 -59.25 35.85 22.53
C GLN A 456 -60.58 36.57 22.34
N ASP A 457 -60.56 37.90 22.39
CA ASP A 457 -61.77 38.69 22.23
C ASP A 457 -61.82 39.31 20.84
N ASN A 458 -60.86 38.98 19.99
CA ASN A 458 -60.81 39.57 18.68
C ASN A 458 -61.67 38.76 17.74
N LYS A 459 -62.97 38.86 17.90
CA LYS A 459 -63.89 38.05 17.12
C LYS A 459 -64.04 38.62 15.73
N THR A 460 -63.57 37.85 14.75
CA THR A 460 -63.54 38.32 13.36
C THR A 460 -64.28 37.44 12.34
N CYS A 461 -64.72 36.21 12.73
CA CYS A 461 -65.44 35.33 11.82
C CYS A 461 -66.39 34.44 12.62
N SER A 462 -67.29 33.74 11.93
CA SER A 462 -68.23 32.81 12.56
C SER A 462 -67.90 31.38 12.17
N LEU A 463 -68.28 30.44 13.01
CA LEU A 463 -68.07 29.05 12.69
C LEU A 463 -69.08 28.60 11.62
N PRO A 464 -68.71 27.62 10.77
CA PRO A 464 -69.58 26.89 9.86
C PRO A 464 -70.69 26.16 10.60
N GLY A 465 -71.85 26.05 9.96
CA GLY A 465 -72.99 25.34 10.56
C GLY A 465 -73.72 26.24 11.55
N THR A 466 -73.06 26.48 12.67
CA THR A 466 -73.59 27.36 13.71
C THR A 466 -72.77 28.64 13.71
N ALA A 467 -73.43 29.76 13.49
CA ALA A 467 -72.72 31.03 13.35
C ALA A 467 -72.33 31.65 14.69
N LEU A 468 -71.46 30.95 15.41
CA LEU A 468 -70.92 31.42 16.67
C LEU A 468 -69.74 32.33 16.36
N LYS A 469 -69.69 33.51 16.97
CA LYS A 469 -68.59 34.43 16.70
C LYS A 469 -67.37 34.04 17.50
N VAL A 470 -66.26 33.87 16.80
CA VAL A 470 -65.01 33.46 17.41
C VAL A 470 -63.83 34.32 16.95
N SER A 471 -62.74 34.30 17.70
CA SER A 471 -61.50 34.94 17.26
C SER A 471 -60.91 34.04 16.19
N CYS A 472 -60.19 34.63 15.21
CA CYS A 472 -59.70 33.89 14.04
C CYS A 472 -58.37 34.44 13.54
N PHE A 473 -57.69 33.64 12.71
CA PHE A 473 -56.50 34.03 11.95
C PHE A 473 -56.42 33.19 10.68
N ASN A 474 -55.74 33.73 9.68
CA ASN A 474 -55.59 33.03 8.42
C ASN A 474 -54.22 32.41 8.27
N VAL A 475 -54.19 31.15 7.87
CA VAL A 475 -52.95 30.44 7.66
C VAL A 475 -52.68 30.24 6.19
N ARG A 476 -51.60 30.84 5.72
CA ARG A 476 -51.28 30.76 4.31
C ARG A 476 -50.01 29.98 4.10
N PHE A 477 -49.98 29.23 3.04
CA PHE A 477 -48.77 28.51 2.70
C PHE A 477 -48.71 28.33 1.21
N CYS A 478 -47.54 28.04 0.70
CA CYS A 478 -47.40 27.83 -0.72
C CYS A 478 -46.22 26.94 -1.04
N LEU A 479 -46.21 26.38 -2.24
CA LEU A 479 -45.14 25.47 -2.58
C LEU A 479 -44.62 25.60 -4.01
N LYS A 480 -43.29 25.65 -4.14
CA LYS A 480 -42.58 25.60 -5.42
C LYS A 480 -41.45 24.61 -5.33
N ALA A 481 -41.13 23.96 -6.43
CA ALA A 481 -40.01 23.06 -6.43
C ALA A 481 -39.45 22.90 -7.84
N ASP A 482 -38.18 22.51 -7.94
CA ASP A 482 -37.61 22.16 -9.24
C ASP A 482 -36.36 21.30 -9.12
N GLY A 483 -35.82 20.90 -10.27
CA GLY A 483 -34.57 20.16 -10.35
C GLY A 483 -33.81 20.62 -11.60
N LYS A 484 -32.68 20.00 -11.90
CA LYS A 484 -31.88 20.46 -13.03
C LYS A 484 -31.74 19.47 -14.17
N GLY A 485 -32.20 18.26 -13.98
CA GLY A 485 -32.07 17.22 -14.99
C GLY A 485 -33.43 16.87 -15.55
N VAL A 486 -33.64 15.58 -15.78
CA VAL A 486 -34.92 15.14 -16.32
C VAL A 486 -35.87 14.74 -15.21
N LEU A 487 -36.82 15.62 -14.94
CA LEU A 487 -37.81 15.43 -13.89
C LEU A 487 -39.21 15.58 -14.48
N PRO A 488 -40.22 14.91 -13.94
CA PRO A 488 -41.59 15.02 -14.35
C PRO A 488 -42.05 16.44 -14.13
N ARG A 489 -42.82 16.98 -15.08
CA ARG A 489 -43.29 18.35 -14.98
C ARG A 489 -44.20 18.53 -13.78
N LYS A 490 -45.00 17.52 -13.51
CA LYS A 490 -45.93 17.58 -12.40
C LYS A 490 -45.37 16.84 -11.19
N LEU A 491 -45.09 17.59 -10.13
CA LEU A 491 -44.56 17.03 -8.91
C LEU A 491 -45.68 16.86 -7.91
N ASN A 492 -45.82 15.64 -7.43
CA ASN A 492 -46.88 15.29 -6.51
C ASN A 492 -46.38 15.33 -5.06
N PHE A 493 -46.84 16.33 -4.31
CA PHE A 493 -46.43 16.53 -2.93
C PHE A 493 -47.54 16.30 -1.93
N GLN A 494 -47.15 15.79 -0.77
CA GLN A 494 -48.04 15.64 0.36
C GLN A 494 -47.72 16.70 1.38
N VAL A 495 -48.72 17.51 1.76
CA VAL A 495 -48.44 18.56 2.74
C VAL A 495 -49.37 18.48 3.93
N GLU A 496 -48.87 18.88 5.09
CA GLU A 496 -49.67 18.93 6.30
C GLU A 496 -49.41 20.19 7.12
N LEU A 497 -50.48 20.81 7.57
CA LEU A 497 -50.44 21.99 8.41
C LEU A 497 -50.91 21.68 9.82
N LEU A 498 -50.13 22.09 10.81
CA LEU A 498 -50.47 21.87 12.21
C LEU A 498 -50.61 23.19 12.96
N LEU A 499 -51.55 23.25 13.89
CA LEU A 499 -51.74 24.43 14.72
C LEU A 499 -51.52 24.15 16.20
N ASP A 500 -50.87 25.09 16.89
CA ASP A 500 -50.76 25.01 18.35
C ASP A 500 -50.25 23.66 18.83
N LYS A 501 -49.20 23.16 18.21
CA LYS A 501 -48.66 21.85 18.57
C LYS A 501 -47.63 21.92 19.69
N LEU A 502 -47.36 23.13 20.17
CA LEU A 502 -46.31 23.34 21.16
C LEU A 502 -46.80 23.06 22.58
N LYS A 503 -47.11 21.80 22.84
CA LYS A 503 -47.58 21.38 24.16
C LYS A 503 -47.54 19.87 24.33
N GLN A 504 -47.73 19.43 25.56
CA GLN A 504 -47.78 18.01 25.91
C GLN A 504 -48.88 17.26 25.18
N LYS A 505 -48.52 16.12 24.59
CA LYS A 505 -49.47 15.28 23.88
C LYS A 505 -50.62 14.89 24.82
N GLY A 506 -51.84 15.08 24.32
CA GLY A 506 -53.05 14.80 25.09
C GLY A 506 -53.71 16.10 25.54
N ALA A 507 -52.95 17.19 25.48
CA ALA A 507 -53.46 18.51 25.83
C ALA A 507 -54.43 19.00 24.76
N ILE A 508 -55.39 19.81 25.15
CA ILE A 508 -56.33 20.38 24.19
C ILE A 508 -55.67 21.48 23.38
N ARG A 509 -55.82 21.38 22.06
CA ARG A 509 -55.30 22.38 21.13
C ARG A 509 -56.33 23.50 21.01
N ARG A 510 -55.86 24.74 21.10
CA ARG A 510 -56.77 25.86 21.11
C ARG A 510 -57.08 26.34 19.71
N ALA A 511 -56.09 26.22 18.82
CA ALA A 511 -56.26 26.70 17.45
C ALA A 511 -56.66 25.57 16.53
N LEU A 512 -57.88 25.63 16.03
CA LEU A 512 -58.42 24.59 15.15
C LEU A 512 -58.87 25.19 13.83
N PHE A 513 -58.86 24.39 12.77
CA PHE A 513 -59.36 24.88 11.50
C PHE A 513 -60.90 24.94 11.56
N LEU A 514 -61.49 25.97 10.94
CA LEU A 514 -62.94 26.18 11.04
C LEU A 514 -63.82 25.06 10.51
N TYR A 515 -63.41 24.44 9.42
CA TYR A 515 -64.26 23.46 8.77
C TYR A 515 -64.06 22.05 9.29
N SER A 516 -62.83 21.73 9.66
CA SER A 516 -62.53 20.39 10.12
C SER A 516 -62.57 20.28 11.65
N ARG A 517 -62.50 21.42 12.35
CA ARG A 517 -62.48 21.42 13.82
C ARG A 517 -61.36 20.52 14.29
N SER A 518 -60.20 20.74 13.70
CA SER A 518 -59.02 19.93 13.93
C SER A 518 -57.75 20.78 13.96
N PRO A 519 -56.76 20.41 14.80
CA PRO A 519 -55.46 21.03 14.93
C PRO A 519 -54.58 20.72 13.74
N SER A 520 -55.07 19.84 12.87
CA SER A 520 -54.31 19.45 11.69
C SER A 520 -55.19 19.46 10.45
N HIS A 521 -54.55 19.69 9.31
CA HIS A 521 -55.17 19.67 8.00
C HIS A 521 -54.17 19.23 6.94
N SER A 522 -54.60 18.48 5.94
CA SER A 522 -53.67 18.04 4.91
C SER A 522 -54.26 18.13 3.51
N LYS A 523 -53.36 18.23 2.53
CA LYS A 523 -53.74 18.37 1.14
C LYS A 523 -52.84 17.60 0.17
N ASN A 524 -53.43 17.17 -0.93
CA ASN A 524 -52.69 16.58 -2.04
C ASN A 524 -52.38 17.69 -3.04
N MET A 525 -51.11 18.09 -3.13
CA MET A 525 -50.78 19.20 -4.01
C MET A 525 -50.03 18.72 -5.25
N THR A 526 -50.44 19.23 -6.40
CA THR A 526 -49.70 18.95 -7.61
C THR A 526 -49.21 20.28 -8.14
N ILE A 527 -47.91 20.41 -8.31
CA ILE A 527 -47.36 21.68 -8.74
C ILE A 527 -46.55 21.51 -10.02
N SER A 528 -46.39 22.61 -10.74
CA SER A 528 -45.60 22.59 -11.96
C SER A 528 -44.17 22.98 -11.63
N ARG A 529 -43.24 22.10 -11.87
CA ARG A 529 -41.89 22.39 -11.47
C ARG A 529 -41.34 23.56 -12.26
N GLY A 530 -40.63 24.43 -11.57
CA GLY A 530 -39.98 25.57 -12.19
C GLY A 530 -40.94 26.76 -12.36
N GLY A 531 -42.17 26.61 -11.89
CA GLY A 531 -43.17 27.67 -12.02
C GLY A 531 -43.26 28.52 -10.78
N LEU A 532 -44.44 29.06 -10.53
CA LEU A 532 -44.65 29.93 -9.38
C LEU A 532 -45.18 29.12 -8.23
N MET A 533 -44.99 29.61 -7.01
CA MET A 533 -45.48 28.88 -5.85
C MET A 533 -46.99 28.76 -5.91
N GLN A 534 -47.48 27.55 -5.66
CA GLN A 534 -48.90 27.30 -5.61
C GLN A 534 -49.38 27.65 -4.23
N CYS A 535 -50.39 28.51 -4.14
CA CYS A 535 -50.82 29.00 -2.83
C CYS A 535 -52.16 28.42 -2.37
N GLU A 536 -52.30 28.31 -1.05
CA GLU A 536 -53.53 27.87 -0.39
C GLU A 536 -53.73 28.63 0.93
N GLU A 537 -54.97 28.75 1.36
CA GLU A 537 -55.28 29.44 2.63
C GLU A 537 -56.30 28.66 3.46
N LEU A 538 -55.95 28.45 4.73
CA LEU A 538 -56.83 27.79 5.67
C LEU A 538 -57.24 28.76 6.75
N ILE A 539 -58.46 28.65 7.25
CA ILE A 539 -58.88 29.57 8.29
C ILE A 539 -59.03 28.85 9.62
N ALA A 540 -58.40 29.40 10.65
CA ALA A 540 -58.43 28.79 11.98
C ALA A 540 -59.08 29.71 13.00
N TYR A 541 -59.60 29.11 14.05
CA TYR A 541 -60.24 29.84 15.14
C TYR A 541 -59.73 29.35 16.48
N LEU A 542 -59.89 30.17 17.50
CA LEU A 542 -59.48 29.75 18.83
C LEU A 542 -60.64 29.27 19.68
N ARG A 543 -60.39 28.24 20.48
CA ARG A 543 -61.35 27.77 21.46
C ARG A 543 -61.37 28.77 22.61
N ASP A 544 -62.49 28.87 23.31
CA ASP A 544 -62.58 29.86 24.37
C ASP A 544 -61.96 29.34 25.67
N GLU A 545 -61.97 30.19 26.70
CA GLU A 545 -61.29 29.86 27.94
C GLU A 545 -62.15 29.04 28.90
N SER A 546 -62.43 27.82 28.47
CA SER A 546 -63.14 26.84 29.27
C SER A 546 -62.30 25.59 29.18
N GLU A 547 -61.47 25.56 28.14
CA GLU A 547 -60.58 24.45 27.85
C GLU A 547 -59.18 24.93 27.54
N PHE A 548 -58.35 25.08 28.57
CA PHE A 548 -57.04 25.67 28.38
C PHE A 548 -56.07 25.26 29.47
N ARG A 549 -54.78 25.45 29.20
CA ARG A 549 -53.74 25.25 30.21
C ARG A 549 -53.30 26.60 30.77
N ASP A 550 -53.36 27.62 29.91
CA ASP A 550 -53.06 28.99 30.26
C ASP A 550 -53.91 29.88 29.35
N LYS A 551 -53.84 31.20 29.52
CA LYS A 551 -54.69 32.07 28.72
C LYS A 551 -53.94 32.83 27.65
N LEU A 552 -52.70 33.21 27.93
CA LEU A 552 -51.92 33.94 26.95
C LEU A 552 -50.74 33.10 26.51
N THR A 553 -50.88 32.47 25.35
CA THR A 553 -49.88 31.54 24.85
C THR A 553 -49.54 31.85 23.40
N PRO A 554 -48.39 31.37 22.91
CA PRO A 554 -48.02 31.28 21.51
C PRO A 554 -48.92 30.30 20.78
N ILE A 555 -49.17 30.57 19.51
CA ILE A 555 -49.85 29.65 18.62
C ILE A 555 -48.86 29.28 17.53
N THR A 556 -48.33 28.08 17.55
CA THR A 556 -47.37 27.81 16.50
C THR A 556 -48.10 27.45 15.23
N ILE A 557 -47.53 27.85 14.11
CA ILE A 557 -48.02 27.49 12.80
C ILE A 557 -46.95 26.62 12.16
N PHE A 558 -47.27 25.38 11.85
CA PHE A 558 -46.25 24.49 11.34
C PHE A 558 -46.61 23.79 10.05
N MET A 559 -45.69 23.78 9.11
CA MET A 559 -45.91 23.13 7.82
C MET A 559 -44.83 22.10 7.51
N GLU A 560 -45.28 20.96 7.02
CA GLU A 560 -44.40 19.86 6.62
C GLU A 560 -44.74 19.35 5.24
N TYR A 561 -43.73 18.98 4.47
CA TYR A 561 -43.97 18.41 3.15
C TYR A 561 -43.08 17.23 2.83
N ARG A 562 -43.56 16.39 1.92
CA ARG A 562 -42.81 15.25 1.42
C ARG A 562 -43.31 14.85 0.04
N LEU A 563 -42.56 14.00 -0.65
CA LEU A 563 -43.01 13.51 -1.96
C LEU A 563 -43.97 12.34 -1.83
N ASP A 564 -44.86 12.23 -2.80
CA ASP A 564 -45.79 11.12 -2.92
C ASP A 564 -45.12 9.77 -3.14
N TYR A 565 -44.14 9.75 -4.03
CA TYR A 565 -43.39 8.54 -4.39
C TYR A 565 -44.21 7.40 -5.02
N ARG A 566 -45.40 7.70 -5.53
CA ARG A 566 -46.13 6.69 -6.28
C ARG A 566 -46.17 7.10 -7.75
N THR A 567 -46.34 8.39 -7.99
CA THR A 567 -46.36 8.92 -9.36
C THR A 567 -45.04 9.62 -9.68
N ALA A 568 -44.24 9.82 -8.65
CA ALA A 568 -42.98 10.54 -8.76
C ALA A 568 -41.86 9.64 -9.25
N ALA A 569 -41.87 9.30 -10.53
CA ALA A 569 -40.83 8.44 -11.09
C ALA A 569 -40.65 8.69 -12.58
N ASP A 570 -39.44 8.42 -13.09
CA ASP A 570 -39.20 8.53 -14.52
C ASP A 570 -39.57 7.21 -15.20
N THR A 571 -39.21 7.10 -16.48
CA THR A 571 -39.60 5.95 -17.30
C THR A 571 -38.89 4.65 -16.94
N THR A 572 -37.87 4.73 -16.09
CA THR A 572 -37.15 3.53 -15.67
C THR A 572 -37.55 3.16 -14.25
N GLY A 573 -38.44 3.96 -13.66
CA GLY A 573 -38.87 3.77 -12.29
C GLY A 573 -37.91 4.40 -11.27
N LEU A 574 -37.08 5.36 -11.71
CA LEU A 574 -36.13 5.98 -10.81
C LEU A 574 -36.82 7.18 -10.16
N GLN A 575 -36.86 7.18 -8.84
CA GLN A 575 -37.57 8.23 -8.13
C GLN A 575 -36.63 9.38 -7.80
N PRO A 576 -37.10 10.62 -7.77
CA PRO A 576 -36.38 11.80 -7.38
C PRO A 576 -36.23 11.82 -5.88
N ILE A 577 -35.23 12.52 -5.40
CA ILE A 577 -35.01 12.69 -3.98
C ILE A 577 -35.03 14.15 -3.61
N LEU A 578 -35.62 14.48 -2.46
CA LEU A 578 -35.62 15.87 -2.04
C LEU A 578 -34.22 16.24 -1.60
N ASN A 579 -33.86 17.49 -1.84
CA ASN A 579 -32.55 17.99 -1.45
C ASN A 579 -32.35 17.74 0.03
N GLN A 580 -31.29 17.02 0.38
CA GLN A 580 -31.07 16.62 1.76
C GLN A 580 -30.36 17.67 2.56
N PHE A 581 -30.07 18.80 1.93
CA PHE A 581 -29.43 19.88 2.63
C PHE A 581 -30.43 20.98 2.96
N THR A 582 -31.72 20.71 2.75
CA THR A 582 -32.75 21.69 3.08
C THR A 582 -33.76 21.06 4.04
N PRO A 583 -34.41 21.86 4.90
CA PRO A 583 -35.47 21.44 5.81
C PRO A 583 -36.76 21.17 5.07
N ALA A 584 -37.56 20.26 5.60
CA ALA A 584 -38.90 20.02 5.08
C ALA A 584 -39.91 20.24 6.19
N ASN A 585 -39.46 20.97 7.20
CA ASN A 585 -40.22 21.28 8.40
C ASN A 585 -40.03 22.74 8.74
N ILE A 586 -41.05 23.56 8.49
CA ILE A 586 -40.91 25.00 8.67
C ILE A 586 -41.99 25.56 9.59
N SER A 587 -41.73 26.71 10.20
CA SER A 587 -42.74 27.26 11.10
C SER A 587 -42.77 28.78 11.17
N ARG A 588 -43.92 29.28 11.63
CA ARG A 588 -44.20 30.69 11.89
C ARG A 588 -44.98 30.76 13.19
N GLN A 589 -45.09 31.93 13.80
CA GLN A 589 -45.89 32.01 15.00
C GLN A 589 -46.90 33.15 15.00
N ALA A 590 -48.02 32.90 15.65
CA ALA A 590 -49.02 33.89 15.98
C ALA A 590 -49.09 33.89 17.49
N HIS A 591 -49.47 35.00 18.09
CA HIS A 591 -49.54 35.06 19.54
C HIS A 591 -50.82 35.68 20.06
N ILE A 592 -51.24 35.18 21.22
CA ILE A 592 -52.42 35.72 21.91
C ILE A 592 -51.96 36.76 22.93
N LEU A 593 -52.34 38.03 22.71
CA LEU A 593 -51.95 39.19 23.53
C LEU A 593 -53.18 39.81 24.24
N VAL B 62 -22.30 2.39 42.22
CA VAL B 62 -20.98 2.68 41.68
C VAL B 62 -19.91 2.29 42.73
N HIS B 63 -18.95 1.44 42.33
CA HIS B 63 -17.89 0.94 43.21
C HIS B 63 -16.72 0.32 42.47
N VAL B 64 -15.62 0.13 43.20
CA VAL B 64 -14.49 -0.64 42.70
C VAL B 64 -14.11 -1.74 43.69
N ILE B 65 -14.06 -2.97 43.20
CA ILE B 65 -13.71 -4.12 44.00
C ILE B 65 -12.44 -4.80 43.56
N ILE B 66 -11.54 -4.96 44.50
CA ILE B 66 -10.30 -5.67 44.25
C ILE B 66 -10.40 -7.01 44.96
N PRO B 67 -10.29 -8.14 44.25
CA PRO B 67 -10.38 -9.48 44.79
C PRO B 67 -9.38 -9.66 45.92
N THR B 68 -9.80 -10.43 46.93
CA THR B 68 -8.96 -10.71 48.09
C THR B 68 -8.37 -12.10 47.99
N GLU B 69 -8.59 -12.72 46.83
CA GLU B 69 -8.09 -14.05 46.53
C GLU B 69 -6.60 -13.97 46.24
N ASN B 70 -5.91 -15.07 46.42
CA ASN B 70 -4.48 -15.09 46.12
C ASN B 70 -4.26 -14.74 44.67
N GLU B 71 -3.30 -13.84 44.43
CA GLU B 71 -2.99 -13.44 43.07
C GLU B 71 -2.29 -14.55 42.34
N ILE B 72 -2.52 -14.61 41.04
CA ILE B 72 -1.89 -15.60 40.18
C ILE B 72 -0.90 -14.91 39.27
N ASN B 73 -0.60 -13.67 39.60
CA ASN B 73 0.34 -12.85 38.87
C ASN B 73 1.52 -12.54 39.76
N THR B 74 2.71 -12.46 39.16
CA THR B 74 3.91 -12.15 39.93
C THR B 74 4.38 -10.72 39.68
N GLN B 75 4.07 -10.19 38.51
CA GLN B 75 4.56 -8.88 38.10
C GLN B 75 3.47 -7.84 38.06
N VAL B 76 2.32 -8.22 37.55
CA VAL B 76 1.25 -7.25 37.35
C VAL B 76 0.07 -7.53 38.25
N THR B 77 -0.22 -6.62 39.18
CA THR B 77 -1.34 -6.81 40.09
C THR B 77 -2.14 -5.53 40.24
N PRO B 78 -3.43 -5.63 40.54
CA PRO B 78 -4.29 -6.80 40.65
C PRO B 78 -4.46 -7.49 39.32
N GLY B 79 -4.52 -8.82 39.33
CA GLY B 79 -4.72 -9.59 38.11
C GLY B 79 -6.11 -9.34 37.54
N GLU B 80 -7.07 -9.15 38.42
CA GLU B 80 -8.44 -8.88 38.02
C GLU B 80 -9.03 -7.76 38.83
N VAL B 81 -9.84 -6.93 38.18
CA VAL B 81 -10.54 -5.84 38.82
C VAL B 81 -12.01 -5.85 38.43
N SER B 82 -12.90 -5.63 39.38
CA SER B 82 -14.31 -5.54 39.05
C SER B 82 -14.87 -4.18 39.45
N ILE B 83 -15.48 -3.48 38.52
CA ILE B 83 -16.04 -2.18 38.87
C ILE B 83 -17.49 -2.08 38.44
N GLN B 84 -18.22 -1.15 39.04
CA GLN B 84 -19.58 -0.84 38.65
C GLN B 84 -19.74 0.63 38.35
N LEU B 85 -20.27 0.94 37.18
CA LEU B 85 -20.45 2.32 36.75
C LEU B 85 -21.87 2.68 36.33
N ARG B 86 -22.15 3.97 36.43
CA ARG B 86 -23.36 4.61 35.93
C ARG B 86 -22.91 5.72 35.01
N PRO B 87 -23.69 6.12 34.00
CA PRO B 87 -23.33 7.17 33.09
C PRO B 87 -23.10 8.44 33.87
N GLY B 88 -21.98 9.11 33.59
CA GLY B 88 -21.61 10.35 34.27
C GLY B 88 -20.76 10.07 35.50
N ALA B 89 -20.64 8.80 35.89
CA ALA B 89 -19.88 8.40 37.05
C ALA B 89 -18.52 7.87 36.65
N GLU B 90 -17.59 7.89 37.61
CA GLU B 90 -16.26 7.36 37.39
C GLU B 90 -15.73 6.65 38.61
N ALA B 91 -14.76 5.77 38.39
CA ALA B 91 -14.08 5.04 39.44
C ALA B 91 -12.64 4.83 39.04
N ASN B 92 -11.76 4.60 40.01
CA ASN B 92 -10.37 4.39 39.64
C ASN B 92 -9.71 3.36 40.53
N PHE B 93 -8.53 2.94 40.10
CA PHE B 93 -7.73 2.00 40.86
C PHE B 93 -6.27 2.16 40.48
N MET B 94 -5.39 1.64 41.31
CA MET B 94 -3.98 1.72 41.00
C MET B 94 -3.46 0.36 40.56
N LEU B 95 -2.86 0.33 39.38
CA LEU B 95 -2.28 -0.87 38.82
C LEU B 95 -0.78 -0.90 39.05
N LYS B 96 -0.28 -1.94 39.68
CA LYS B 96 1.14 -1.99 39.99
C LYS B 96 1.89 -3.00 39.15
N VAL B 97 3.03 -2.56 38.60
CA VAL B 97 3.87 -3.45 37.83
C VAL B 97 5.26 -3.53 38.45
N HIS B 98 5.71 -4.74 38.72
CA HIS B 98 7.00 -5.00 39.34
C HIS B 98 7.85 -5.96 38.52
N PRO B 99 8.71 -5.45 37.62
CA PRO B 99 9.57 -6.22 36.74
C PRO B 99 10.47 -7.13 37.55
N LEU B 100 10.77 -8.29 37.00
CA LEU B 100 11.56 -9.29 37.69
C LEU B 100 13.00 -9.28 37.23
N LYS B 101 13.84 -9.89 38.03
CA LYS B 101 15.21 -10.14 37.65
C LYS B 101 15.27 -11.58 37.18
N LYS B 102 16.29 -11.92 36.40
CA LYS B 102 16.47 -13.31 36.00
C LYS B 102 15.27 -13.91 35.29
N TYR B 103 14.83 -13.29 34.20
CA TYR B 103 13.73 -13.85 33.42
C TYR B 103 14.26 -15.01 32.59
N PRO B 104 13.46 -16.06 32.35
CA PRO B 104 13.69 -17.02 31.29
C PRO B 104 13.61 -16.23 30.00
N VAL B 105 14.50 -16.50 29.06
CA VAL B 105 14.50 -15.75 27.82
C VAL B 105 14.50 -16.64 26.60
N ASP B 106 13.60 -16.35 25.68
CA ASP B 106 13.50 -17.06 24.42
C ASP B 106 13.99 -16.16 23.31
N LEU B 107 15.15 -16.44 22.75
CA LEU B 107 15.65 -15.59 21.69
C LEU B 107 15.62 -16.28 20.35
N TYR B 108 14.82 -15.76 19.44
CA TYR B 108 14.70 -16.37 18.13
C TYR B 108 15.38 -15.51 17.10
N TYR B 109 16.28 -16.10 16.34
CA TYR B 109 16.97 -15.36 15.29
C TYR B 109 16.28 -15.48 13.96
N LEU B 110 15.80 -14.36 13.47
CA LEU B 110 15.17 -14.30 12.17
C LEU B 110 16.12 -13.56 11.26
N VAL B 111 16.77 -14.28 10.38
CA VAL B 111 17.87 -13.71 9.64
C VAL B 111 17.60 -13.55 8.16
N ASP B 112 17.91 -12.37 7.66
CA ASP B 112 17.85 -12.06 6.26
C ASP B 112 18.98 -12.79 5.57
N VAL B 113 18.63 -13.67 4.64
CA VAL B 113 19.63 -14.46 3.94
C VAL B 113 19.64 -14.16 2.46
N SER B 114 19.19 -12.97 2.10
CA SER B 114 19.23 -12.52 0.73
C SER B 114 20.69 -12.25 0.35
N ALA B 115 20.97 -12.08 -0.93
CA ALA B 115 22.36 -12.01 -1.39
C ALA B 115 23.13 -10.88 -0.74
N SER B 116 22.47 -9.78 -0.47
CA SER B 116 23.11 -8.62 0.12
C SER B 116 23.70 -8.89 1.51
N MET B 117 23.28 -10.00 2.14
CA MET B 117 23.74 -10.41 3.45
C MET B 117 24.87 -11.43 3.42
N HIS B 118 25.41 -11.75 2.25
CA HIS B 118 26.43 -12.79 2.17
C HIS B 118 27.65 -12.51 3.02
N ASN B 119 27.94 -11.24 3.29
CA ASN B 119 29.09 -10.89 4.12
C ASN B 119 28.78 -10.95 5.61
N ASN B 120 27.51 -11.12 5.96
CA ASN B 120 27.10 -11.11 7.35
C ASN B 120 26.71 -12.46 7.91
N ILE B 121 26.36 -13.40 7.06
CA ILE B 121 25.88 -14.67 7.56
C ILE B 121 26.95 -15.38 8.38
N GLU B 122 28.19 -15.33 7.91
CA GLU B 122 29.28 -16.00 8.60
C GLU B 122 29.58 -15.38 9.95
N LYS B 123 29.06 -14.19 10.20
CA LYS B 123 29.35 -13.48 11.43
C LYS B 123 28.51 -14.03 12.56
N LEU B 124 27.55 -14.87 12.23
CA LEU B 124 26.67 -15.46 13.22
C LEU B 124 27.24 -16.79 13.67
N ASN B 125 28.38 -17.18 13.10
CA ASN B 125 28.97 -18.46 13.47
C ASN B 125 29.49 -18.41 14.90
N SER B 126 29.55 -17.21 15.46
CA SER B 126 30.05 -16.95 16.80
C SER B 126 29.03 -16.28 17.73
N VAL B 127 27.72 -16.45 17.47
CA VAL B 127 26.74 -15.83 18.37
C VAL B 127 25.98 -16.88 19.17
N GLY B 128 26.58 -18.05 19.30
CA GLY B 128 26.01 -19.15 20.08
C GLY B 128 26.56 -19.14 21.50
N ASN B 129 27.68 -19.83 21.71
CA ASN B 129 28.26 -19.95 23.05
C ASN B 129 28.62 -18.62 23.68
N ASP B 130 29.10 -17.66 22.90
CA ASP B 130 29.51 -16.39 23.49
C ASP B 130 28.33 -15.60 24.02
N LEU B 131 27.21 -15.70 23.32
CA LEU B 131 26.02 -14.99 23.73
C LEU B 131 25.44 -15.65 24.96
N SER B 132 25.48 -16.98 24.98
CA SER B 132 24.95 -17.74 26.09
C SER B 132 25.65 -17.33 27.37
N ARG B 133 26.96 -17.16 27.30
CA ARG B 133 27.71 -16.71 28.47
C ARG B 133 27.30 -15.31 28.91
N LYS B 134 27.20 -14.38 27.98
CA LYS B 134 26.87 -13.01 28.36
C LYS B 134 25.49 -12.89 29.00
N MET B 135 24.54 -13.65 28.47
CA MET B 135 23.17 -13.63 28.95
C MET B 135 23.02 -14.26 30.33
N ALA B 136 24.06 -14.92 30.82
CA ALA B 136 24.00 -15.61 32.09
C ALA B 136 23.73 -14.64 33.23
N PHE B 137 24.03 -13.37 33.02
CA PHE B 137 23.88 -12.38 34.05
C PHE B 137 22.61 -11.56 33.87
N PHE B 138 21.83 -11.91 32.86
CA PHE B 138 20.60 -11.19 32.57
C PHE B 138 19.37 -12.10 32.59
N SER B 139 19.59 -13.40 32.45
CA SER B 139 18.50 -14.36 32.34
C SER B 139 18.68 -15.55 33.28
N ARG B 140 17.62 -16.33 33.39
CA ARG B 140 17.59 -17.54 34.20
C ARG B 140 17.70 -18.81 33.38
N ASP B 141 17.18 -18.74 32.17
CA ASP B 141 17.08 -19.89 31.29
C ASP B 141 17.09 -19.40 29.84
N PHE B 142 18.22 -19.54 29.17
CA PHE B 142 18.37 -18.93 27.85
C PHE B 142 18.34 -19.93 26.70
N ARG B 143 17.35 -19.77 25.82
CA ARG B 143 17.16 -20.66 24.68
C ARG B 143 17.34 -19.90 23.37
N LEU B 144 17.92 -20.58 22.38
CA LEU B 144 18.10 -20.00 21.06
C LEU B 144 17.34 -20.74 19.98
N GLY B 145 16.76 -19.98 19.07
CA GLY B 145 16.10 -20.56 17.91
C GLY B 145 16.63 -19.90 16.65
N PHE B 146 16.19 -20.37 15.49
CA PHE B 146 16.70 -19.81 14.25
C PHE B 146 15.80 -20.04 13.04
N GLY B 147 15.69 -19.03 12.20
CA GLY B 147 15.01 -19.15 10.92
C GLY B 147 15.49 -18.07 9.99
N SER B 148 14.99 -18.07 8.77
CA SER B 148 15.49 -17.11 7.80
C SER B 148 14.44 -16.71 6.77
N TYR B 149 14.69 -15.60 6.12
CA TYR B 149 13.77 -15.13 5.08
C TYR B 149 14.49 -14.44 3.95
N VAL B 150 13.82 -14.38 2.80
CA VAL B 150 14.35 -13.63 1.68
C VAL B 150 13.32 -12.66 1.13
N ASP B 151 12.34 -13.19 0.41
CA ASP B 151 11.38 -12.34 -0.26
C ASP B 151 10.21 -13.16 -0.79
N LYS B 152 9.25 -12.52 -1.42
CA LYS B 152 8.21 -13.31 -2.05
C LYS B 152 8.74 -13.88 -3.35
N THR B 153 8.57 -15.19 -3.54
CA THR B 153 9.10 -15.86 -4.73
C THR B 153 8.21 -15.70 -5.94
N VAL B 154 7.97 -14.46 -6.32
CA VAL B 154 7.14 -14.12 -7.46
C VAL B 154 7.80 -13.06 -8.32
N SER B 155 7.35 -12.96 -9.56
CA SER B 155 7.75 -11.85 -10.40
C SER B 155 7.10 -10.61 -9.82
N PRO B 156 7.74 -9.45 -9.87
CA PRO B 156 9.05 -9.09 -10.39
C PRO B 156 10.17 -9.15 -9.36
N TYR B 157 9.95 -9.80 -8.23
CA TYR B 157 10.91 -9.72 -7.13
C TYR B 157 12.08 -10.64 -7.36
N ILE B 158 11.81 -11.74 -8.06
CA ILE B 158 12.82 -12.71 -8.42
C ILE B 158 12.81 -12.93 -9.92
N SER B 159 13.88 -13.47 -10.46
CA SER B 159 13.87 -13.87 -11.85
C SER B 159 13.09 -15.15 -11.98
N ILE B 160 12.33 -15.27 -13.05
CA ILE B 160 11.56 -16.49 -13.28
C ILE B 160 12.09 -17.32 -14.43
N HIS B 161 13.24 -16.92 -14.96
CA HIS B 161 13.88 -17.67 -16.02
C HIS B 161 14.19 -19.07 -15.46
N PRO B 162 13.81 -20.15 -16.15
CA PRO B 162 13.98 -21.54 -15.76
C PRO B 162 15.37 -21.94 -15.30
N GLU B 163 16.43 -21.33 -15.84
CA GLU B 163 17.78 -21.74 -15.45
C GLU B 163 18.32 -21.03 -14.22
N ARG B 164 17.62 -20.02 -13.73
CA ARG B 164 18.08 -19.32 -12.54
C ARG B 164 16.97 -19.16 -11.50
N ILE B 165 15.75 -19.57 -11.81
CA ILE B 165 14.67 -19.37 -10.86
C ILE B 165 14.97 -20.02 -9.51
N HIS B 166 15.68 -21.15 -9.50
CA HIS B 166 16.00 -21.84 -8.25
C HIS B 166 17.42 -21.56 -7.79
N ASN B 167 18.08 -20.64 -8.47
CA ASN B 167 19.44 -20.24 -8.14
C ASN B 167 19.67 -18.83 -8.67
N GLN B 168 19.17 -17.85 -7.95
CA GLN B 168 19.16 -16.46 -8.43
C GLN B 168 20.58 -15.92 -8.69
N CYS B 169 21.59 -16.52 -8.06
CA CYS B 169 23.01 -16.16 -8.17
C CYS B 169 23.72 -16.87 -9.33
N SER B 170 22.98 -17.67 -10.14
CA SER B 170 23.53 -18.51 -11.23
C SER B 170 24.44 -17.75 -12.19
N ASP B 171 24.09 -16.52 -12.50
CA ASP B 171 24.87 -15.71 -13.44
C ASP B 171 26.28 -15.41 -12.94
N TYR B 172 26.51 -15.59 -11.65
CA TYR B 172 27.80 -15.28 -11.05
C TYR B 172 28.52 -16.57 -10.67
N ASN B 173 27.95 -17.68 -11.14
CA ASN B 173 28.47 -19.01 -10.89
C ASN B 173 28.57 -19.30 -9.40
N LEU B 174 27.58 -18.85 -8.63
CA LEU B 174 27.56 -19.14 -7.21
C LEU B 174 26.52 -20.19 -6.91
N ASP B 175 26.78 -20.96 -5.87
CA ASP B 175 25.81 -21.92 -5.38
C ASP B 175 24.94 -21.30 -4.30
N CYS B 176 23.84 -20.63 -4.70
CA CYS B 176 22.93 -19.99 -3.76
C CYS B 176 21.71 -20.89 -3.54
N MET B 177 21.12 -20.76 -2.36
CA MET B 177 19.91 -21.44 -1.95
C MET B 177 18.71 -20.85 -2.70
N PRO B 178 17.77 -21.65 -3.19
CA PRO B 178 16.59 -21.20 -3.87
C PRO B 178 15.91 -20.16 -2.99
N PRO B 179 15.30 -19.14 -3.58
CA PRO B 179 14.64 -18.07 -2.88
C PRO B 179 13.43 -18.63 -2.17
N HIS B 180 13.09 -18.03 -1.06
CA HIS B 180 11.93 -18.45 -0.30
C HIS B 180 11.38 -17.28 0.49
N GLY B 181 10.18 -17.43 1.01
CA GLY B 181 9.59 -16.40 1.84
C GLY B 181 10.16 -16.49 3.24
N TYR B 182 9.63 -17.43 4.01
CA TYR B 182 10.11 -17.67 5.35
C TYR B 182 10.25 -19.15 5.67
N ILE B 183 11.42 -19.51 6.18
CA ILE B 183 11.69 -20.88 6.60
C ILE B 183 12.13 -20.94 8.04
N HIS B 184 11.49 -21.81 8.79
CA HIS B 184 11.84 -22.07 10.16
C HIS B 184 12.88 -23.18 10.15
N VAL B 185 14.00 -22.96 10.81
CA VAL B 185 15.08 -23.93 10.76
C VAL B 185 15.23 -24.68 12.07
N LEU B 186 15.24 -23.95 13.17
CA LEU B 186 15.45 -24.53 14.48
C LEU B 186 14.47 -24.01 15.51
N SER B 187 13.77 -24.92 16.17
CA SER B 187 12.87 -24.56 17.24
C SER B 187 13.70 -24.04 18.40
N LEU B 188 13.13 -23.15 19.18
CA LEU B 188 13.86 -22.64 20.33
C LEU B 188 14.33 -23.79 21.17
N THR B 189 15.61 -23.78 21.53
CA THR B 189 16.17 -24.86 22.33
C THR B 189 17.26 -24.42 23.30
N GLU B 190 17.37 -25.19 24.37
CA GLU B 190 18.40 -25.06 25.39
C GLU B 190 19.80 -25.45 24.92
N ASN B 191 19.88 -26.20 23.80
CA ASN B 191 21.11 -26.71 23.22
C ASN B 191 21.75 -25.69 22.27
N ILE B 192 22.81 -25.02 22.78
CA ILE B 192 23.51 -23.96 22.06
C ILE B 192 24.27 -24.54 20.86
N THR B 193 24.80 -25.75 21.02
CA THR B 193 25.51 -26.41 19.94
C THR B 193 24.62 -26.57 18.73
N GLU B 194 23.35 -26.92 18.95
CA GLU B 194 22.41 -27.11 17.84
C GLU B 194 22.21 -25.80 17.12
N PHE B 195 22.13 -24.70 17.87
CA PHE B 195 21.99 -23.39 17.26
C PHE B 195 23.17 -23.12 16.35
N GLU B 196 24.37 -23.33 16.86
CA GLU B 196 25.55 -23.04 16.06
C GLU B 196 25.57 -23.89 14.80
N LYS B 197 25.19 -25.16 14.92
CA LYS B 197 25.16 -26.05 13.76
C LYS B 197 24.19 -25.53 12.71
N ALA B 198 22.99 -25.12 13.15
CA ALA B 198 21.96 -24.62 12.23
C ALA B 198 22.45 -23.41 11.46
N VAL B 199 23.26 -22.58 12.12
CA VAL B 199 23.81 -21.41 11.46
C VAL B 199 24.93 -21.77 10.51
N HIS B 200 25.83 -22.65 10.95
CA HIS B 200 27.00 -22.99 10.16
C HIS B 200 26.63 -23.61 8.83
N ARG B 201 25.55 -24.37 8.79
CA ARG B 201 25.13 -25.04 7.56
C ARG B 201 24.16 -24.21 6.73
N GLN B 202 23.94 -22.96 7.12
CA GLN B 202 23.02 -22.09 6.39
C GLN B 202 23.64 -21.54 5.12
N LYS B 203 22.96 -21.73 4.00
CA LYS B 203 23.40 -21.19 2.72
C LYS B 203 22.80 -19.82 2.45
N ILE B 204 23.42 -19.07 1.56
CA ILE B 204 22.92 -17.75 1.18
C ILE B 204 22.04 -17.86 -0.05
N SER B 205 20.98 -17.06 -0.10
CA SER B 205 20.05 -17.01 -1.23
C SER B 205 20.22 -15.71 -2.02
N GLY B 206 19.12 -15.20 -2.58
CA GLY B 206 19.15 -13.95 -3.33
C GLY B 206 17.86 -13.68 -4.07
N ASN B 207 17.68 -12.43 -4.49
CA ASN B 207 16.53 -11.99 -5.27
C ASN B 207 16.93 -10.76 -6.06
N ILE B 208 16.00 -10.09 -6.73
CA ILE B 208 16.41 -8.93 -7.53
C ILE B 208 16.23 -7.61 -6.82
N ASP B 209 15.05 -7.36 -6.26
CA ASP B 209 14.78 -6.02 -5.72
C ASP B 209 15.41 -5.80 -4.35
N THR B 210 15.82 -4.56 -4.09
CA THR B 210 16.51 -4.21 -2.86
C THR B 210 15.76 -4.56 -1.56
N PRO B 211 14.46 -4.21 -1.40
CA PRO B 211 13.68 -4.45 -0.20
C PRO B 211 13.48 -5.93 -0.01
N GLU B 212 13.30 -6.33 1.24
CA GLU B 212 13.11 -7.75 1.57
C GLU B 212 11.80 -8.00 2.31
N GLY B 213 11.35 -9.26 2.32
CA GLY B 213 10.09 -9.62 2.98
C GLY B 213 10.22 -9.82 4.48
N GLY B 214 10.80 -8.83 5.15
CA GLY B 214 11.07 -8.88 6.58
C GLY B 214 9.83 -8.92 7.43
N PHE B 215 8.89 -8.03 7.17
CA PHE B 215 7.70 -7.92 8.00
C PHE B 215 6.81 -9.15 7.85
N ASP B 216 6.83 -9.74 6.66
CA ASP B 216 6.02 -10.92 6.39
C ASP B 216 6.56 -12.09 7.20
N ALA B 217 7.87 -12.26 7.17
CA ALA B 217 8.49 -13.32 7.96
C ALA B 217 8.30 -13.09 9.45
N MET B 218 8.39 -11.84 9.89
CA MET B 218 8.21 -11.54 11.31
C MET B 218 6.86 -11.95 11.81
N LEU B 219 5.82 -11.63 11.05
CA LEU B 219 4.51 -11.96 11.52
C LEU B 219 4.40 -13.45 11.71
N GLN B 220 4.87 -14.25 10.74
CA GLN B 220 4.75 -15.69 10.89
C GLN B 220 5.55 -16.19 12.09
N ALA B 221 6.71 -15.62 12.31
CA ALA B 221 7.53 -16.01 13.45
C ALA B 221 6.81 -15.71 14.76
N ALA B 222 6.04 -14.61 14.77
CA ALA B 222 5.34 -14.20 15.97
C ALA B 222 4.10 -15.03 16.27
N VAL B 223 3.32 -15.33 15.23
CA VAL B 223 2.05 -16.03 15.45
C VAL B 223 2.16 -17.56 15.60
N CYS B 224 3.12 -18.19 14.91
CA CYS B 224 3.26 -19.65 14.88
C CYS B 224 3.97 -20.18 16.14
N GLU B 225 3.34 -19.94 17.31
CA GLU B 225 3.87 -20.30 18.62
C GLU B 225 4.16 -21.77 18.82
N SER B 226 3.31 -22.61 18.27
CA SER B 226 3.44 -24.06 18.39
C SER B 226 4.58 -24.61 17.55
N HIS B 227 5.09 -23.81 16.62
CA HIS B 227 6.16 -24.27 15.75
C HIS B 227 7.50 -23.71 16.20
N ILE B 228 7.48 -22.47 16.67
CA ILE B 228 8.70 -21.82 17.14
C ILE B 228 9.07 -22.37 18.49
N GLY B 229 8.07 -22.62 19.33
CA GLY B 229 8.30 -23.12 20.66
C GLY B 229 8.45 -21.99 21.66
N TRP B 230 7.70 -20.92 21.44
CA TRP B 230 7.80 -19.81 22.38
C TRP B 230 7.17 -20.25 23.69
N ARG B 231 7.78 -19.91 24.81
CA ARG B 231 7.20 -20.22 26.10
C ARG B 231 6.41 -19.07 26.64
N LYS B 232 5.34 -19.35 27.37
CA LYS B 232 4.60 -18.29 28.03
C LYS B 232 5.43 -17.72 29.16
N GLU B 233 6.11 -18.60 29.87
CA GLU B 233 6.92 -18.24 31.02
C GLU B 233 8.30 -17.76 30.62
N ALA B 234 8.36 -16.89 29.64
CA ALA B 234 9.63 -16.39 29.14
C ALA B 234 9.47 -15.04 28.51
N LYS B 235 10.56 -14.30 28.45
CA LYS B 235 10.58 -13.05 27.77
C LYS B 235 10.83 -13.36 26.30
N ARG B 236 9.87 -13.05 25.46
CA ARG B 236 9.96 -13.46 24.06
C ARG B 236 10.64 -12.40 23.21
N LEU B 237 11.84 -12.71 22.72
CA LEU B 237 12.60 -11.77 21.92
C LEU B 237 12.72 -12.21 20.47
N LEU B 238 12.22 -11.40 19.57
CA LEU B 238 12.36 -11.68 18.16
C LEU B 238 13.43 -10.76 17.59
N LEU B 239 14.55 -11.36 17.23
CA LEU B 239 15.70 -10.62 16.74
C LEU B 239 15.79 -10.70 15.24
N VAL B 240 15.73 -9.55 14.60
CA VAL B 240 15.71 -9.51 13.15
C VAL B 240 17.00 -8.92 12.61
N MET B 241 17.72 -9.69 11.80
CA MET B 241 18.97 -9.19 11.24
C MET B 241 18.84 -8.87 9.78
N THR B 242 19.16 -7.63 9.42
CA THR B 242 19.07 -7.23 8.03
C THR B 242 20.00 -6.07 7.70
N ASP B 243 19.81 -5.49 6.53
CA ASP B 243 20.65 -4.43 6.02
C ASP B 243 19.82 -3.36 5.31
N GLN B 244 18.89 -3.80 4.48
CA GLN B 244 18.02 -2.93 3.72
C GLN B 244 16.64 -2.85 4.34
N THR B 245 15.79 -2.03 3.75
CA THR B 245 14.43 -1.84 4.23
C THR B 245 13.55 -3.02 3.86
N SER B 246 12.38 -3.08 4.46
CA SER B 246 11.43 -4.13 4.15
C SER B 246 10.32 -3.64 3.24
N HIS B 247 9.66 -4.59 2.60
CA HIS B 247 8.47 -4.34 1.78
C HIS B 247 7.27 -3.99 2.64
N LEU B 248 6.38 -3.19 2.07
CA LEU B 248 5.16 -2.75 2.71
C LEU B 248 3.97 -3.53 2.16
N ALA B 249 2.85 -3.43 2.86
CA ALA B 249 1.66 -4.21 2.51
C ALA B 249 1.20 -4.05 1.07
N LEU B 250 1.31 -2.86 0.51
CA LEU B 250 0.77 -2.67 -0.82
C LEU B 250 1.80 -2.79 -1.92
N ASP B 251 3.03 -3.09 -1.57
CA ASP B 251 4.07 -3.21 -2.58
C ASP B 251 3.82 -4.43 -3.45
N SER B 252 3.14 -5.42 -2.88
CA SER B 252 2.85 -6.68 -3.53
C SER B 252 1.88 -6.55 -4.68
N LYS B 253 1.19 -5.40 -4.80
CA LYS B 253 0.26 -5.22 -5.91
C LYS B 253 1.00 -5.42 -7.23
N LEU B 254 2.27 -5.06 -7.25
CA LEU B 254 3.09 -5.16 -8.45
C LEU B 254 3.23 -6.62 -8.91
N ALA B 255 3.19 -7.56 -7.96
CA ALA B 255 3.33 -8.96 -8.27
C ALA B 255 2.00 -9.61 -8.59
N GLY B 256 0.92 -8.82 -8.56
CA GLY B 256 -0.40 -9.37 -8.80
C GLY B 256 -1.01 -9.97 -7.55
N ILE B 257 -0.52 -9.57 -6.38
CA ILE B 257 -1.08 -10.10 -5.15
C ILE B 257 -1.96 -9.04 -4.53
N VAL B 258 -3.26 -9.32 -4.49
CA VAL B 258 -4.23 -8.35 -4.05
C VAL B 258 -5.08 -8.83 -2.89
N VAL B 259 -4.58 -9.82 -2.18
CA VAL B 259 -5.28 -10.40 -1.05
C VAL B 259 -4.59 -10.05 0.28
N PRO B 260 -5.24 -9.31 1.18
CA PRO B 260 -4.73 -8.88 2.47
C PRO B 260 -4.25 -10.05 3.31
N ASN B 261 -3.22 -9.79 4.10
CA ASN B 261 -2.65 -10.79 5.00
C ASN B 261 -3.64 -11.01 6.13
N ASP B 262 -4.05 -12.25 6.37
CA ASP B 262 -5.06 -12.47 7.40
C ASP B 262 -4.48 -12.58 8.81
N GLY B 263 -3.16 -12.51 8.92
CA GLY B 263 -2.51 -12.55 10.21
C GLY B 263 -2.42 -13.93 10.84
N ASN B 264 -2.81 -14.97 10.12
CA ASN B 264 -2.78 -16.30 10.71
C ASN B 264 -1.42 -16.98 10.50
N CYS B 265 -1.26 -18.18 11.07
CA CYS B 265 -0.07 -19.02 10.93
C CYS B 265 -0.25 -19.95 9.73
N HIS B 266 0.69 -19.90 8.78
CA HIS B 266 0.64 -20.69 7.55
C HIS B 266 1.92 -21.44 7.27
N LEU B 267 2.46 -22.13 8.28
CA LEU B 267 3.62 -22.96 8.06
C LEU B 267 3.18 -24.38 7.78
N LYS B 268 3.81 -25.01 6.81
CA LYS B 268 3.50 -26.39 6.51
C LYS B 268 4.64 -27.25 7.04
N ASN B 269 5.60 -27.59 6.19
CA ASN B 269 6.74 -28.34 6.70
C ASN B 269 7.81 -27.38 7.17
N ASN B 270 7.47 -26.58 8.16
CA ASN B 270 8.34 -25.50 8.67
C ASN B 270 8.60 -24.42 7.62
N VAL B 271 7.78 -24.40 6.58
CA VAL B 271 7.90 -23.42 5.52
C VAL B 271 6.61 -22.65 5.33
N TYR B 272 6.73 -21.35 5.16
CA TYR B 272 5.58 -20.49 4.92
C TYR B 272 5.11 -20.68 3.49
N VAL B 273 3.86 -21.15 3.34
CA VAL B 273 3.37 -21.53 2.02
C VAL B 273 2.30 -20.62 1.43
N LYS B 274 2.01 -19.51 2.10
CA LYS B 274 1.07 -18.55 1.55
C LYS B 274 1.81 -17.30 1.10
N SER B 275 3.12 -17.38 1.09
CA SER B 275 3.97 -16.24 0.78
C SER B 275 3.71 -15.69 -0.62
N THR B 276 3.26 -16.54 -1.53
CA THR B 276 3.01 -16.11 -2.90
C THR B 276 1.55 -15.78 -3.17
N THR B 277 0.68 -15.92 -2.16
CA THR B 277 -0.73 -15.66 -2.39
C THR B 277 -1.26 -14.49 -1.57
N MET B 278 -0.61 -14.21 -0.45
CA MET B 278 -1.02 -13.13 0.44
C MET B 278 -0.01 -12.01 0.41
N GLU B 279 -0.47 -10.79 0.55
CA GLU B 279 0.43 -9.65 0.52
C GLU B 279 1.18 -9.51 1.83
N HIS B 280 2.07 -8.52 1.88
CA HIS B 280 2.87 -8.25 3.05
C HIS B 280 1.91 -7.69 4.10
N PRO B 281 2.16 -7.88 5.39
CA PRO B 281 1.40 -7.30 6.45
C PRO B 281 1.68 -5.82 6.55
N SER B 282 0.70 -5.08 7.05
CA SER B 282 0.86 -3.67 7.34
C SER B 282 1.54 -3.48 8.69
N LEU B 283 1.99 -2.27 8.98
CA LEU B 283 2.58 -2.04 10.29
C LEU B 283 1.52 -2.15 11.36
N GLY B 284 0.28 -1.82 11.01
CA GLY B 284 -0.82 -1.92 11.95
C GLY B 284 -0.97 -3.37 12.38
N GLN B 285 -1.05 -4.27 11.41
CA GLN B 285 -1.19 -5.69 11.67
C GLN B 285 0.01 -6.27 12.38
N LEU B 286 1.19 -5.79 12.00
CA LEU B 286 2.41 -6.32 12.56
C LEU B 286 2.50 -5.99 14.03
N SER B 287 2.22 -4.74 14.40
CA SER B 287 2.31 -4.39 15.81
C SER B 287 1.20 -5.05 16.60
N GLU B 288 0.04 -5.23 15.97
CA GLU B 288 -1.07 -5.85 16.65
C GLU B 288 -0.73 -7.28 17.05
N LYS B 289 -0.14 -8.03 16.12
CA LYS B 289 0.20 -9.41 16.39
C LYS B 289 1.40 -9.53 17.32
N LEU B 290 2.37 -8.63 17.19
CA LEU B 290 3.53 -8.71 18.08
C LEU B 290 3.12 -8.45 19.52
N ILE B 291 2.24 -7.47 19.73
CA ILE B 291 1.84 -7.20 21.10
C ILE B 291 0.96 -8.33 21.62
N ASP B 292 0.04 -8.81 20.80
CA ASP B 292 -0.87 -9.88 21.21
C ASP B 292 -0.12 -11.14 21.63
N ASN B 293 1.00 -11.43 20.97
CA ASN B 293 1.78 -12.63 21.28
C ASN B 293 2.92 -12.34 22.25
N ASN B 294 2.90 -11.15 22.85
CA ASN B 294 3.88 -10.72 23.83
C ASN B 294 5.32 -10.80 23.35
N ILE B 295 5.54 -10.42 22.10
CA ILE B 295 6.88 -10.45 21.54
C ILE B 295 7.53 -9.10 21.40
N ASN B 296 8.69 -8.99 22.01
CA ASN B 296 9.52 -7.80 21.96
C ASN B 296 10.37 -7.93 20.73
N VAL B 297 10.54 -6.85 19.98
CA VAL B 297 11.33 -6.95 18.76
C VAL B 297 12.59 -6.14 18.80
N ILE B 298 13.67 -6.77 18.36
CA ILE B 298 14.96 -6.13 18.25
C ILE B 298 15.38 -6.07 16.80
N PHE B 299 15.55 -4.88 16.27
CA PHE B 299 16.04 -4.76 14.90
C PHE B 299 17.53 -4.49 14.89
N ALA B 300 18.26 -5.38 14.26
CA ALA B 300 19.69 -5.25 14.15
C ALA B 300 20.03 -4.98 12.69
N VAL B 301 20.37 -3.73 12.38
CA VAL B 301 20.53 -3.36 11.00
C VAL B 301 21.91 -2.82 10.70
N GLN B 302 22.56 -3.39 9.69
CA GLN B 302 23.93 -3.00 9.33
C GLN B 302 24.07 -1.77 8.46
N GLY B 303 23.11 -1.53 7.59
CA GLY B 303 23.28 -0.47 6.61
C GLY B 303 22.85 0.89 7.09
N LYS B 304 22.82 1.85 6.18
CA LYS B 304 22.39 3.21 6.48
C LYS B 304 20.91 3.21 6.75
N GLN B 305 20.26 2.12 6.34
CA GLN B 305 18.83 1.94 6.49
C GLN B 305 18.48 1.68 7.95
N PHE B 306 19.50 1.55 8.78
CA PHE B 306 19.27 1.50 10.20
C PHE B 306 18.37 2.63 10.63
N HIS B 307 18.62 3.80 10.08
CA HIS B 307 17.85 4.96 10.47
C HIS B 307 16.40 4.80 10.05
N TRP B 308 16.16 4.10 8.94
CA TRP B 308 14.79 3.88 8.49
C TRP B 308 14.05 3.09 9.55
N TYR B 309 14.67 2.02 10.02
CA TYR B 309 14.04 1.21 11.05
C TYR B 309 13.90 1.98 12.35
N LYS B 310 14.90 2.77 12.70
CA LYS B 310 14.85 3.56 13.91
C LYS B 310 13.64 4.48 13.91
N ASP B 311 13.34 5.06 12.77
CA ASP B 311 12.28 6.05 12.68
C ASP B 311 10.90 5.42 12.53
N LEU B 312 10.83 4.09 12.53
CA LEU B 312 9.55 3.40 12.53
C LEU B 312 9.19 3.01 13.96
N LEU B 313 10.11 3.23 14.88
CA LEU B 313 9.88 2.77 16.23
C LEU B 313 8.66 3.43 16.87
N PRO B 314 8.38 4.73 16.65
CA PRO B 314 7.23 5.43 17.18
C PRO B 314 5.92 4.82 16.69
N LEU B 315 5.98 4.03 15.62
CA LEU B 315 4.79 3.41 15.07
C LEU B 315 4.62 1.97 15.53
N LEU B 316 5.63 1.44 16.24
CA LEU B 316 5.69 0.04 16.62
C LEU B 316 6.08 -0.15 18.08
N PRO B 317 5.16 0.00 19.03
CA PRO B 317 5.41 -0.07 20.46
C PRO B 317 6.01 -1.41 20.83
N GLY B 318 6.94 -1.41 21.79
CA GLY B 318 7.58 -2.65 22.24
C GLY B 318 8.72 -3.09 21.32
N THR B 319 9.23 -2.15 20.54
CA THR B 319 10.30 -2.44 19.60
C THR B 319 11.50 -1.54 19.84
N ILE B 320 12.68 -2.13 19.73
CA ILE B 320 13.93 -1.40 19.87
C ILE B 320 14.79 -1.67 18.64
N ALA B 321 15.65 -0.74 18.28
CA ALA B 321 16.52 -0.96 17.13
C ALA B 321 17.91 -0.45 17.41
N GLY B 322 18.91 -1.13 16.86
CA GLY B 322 20.28 -0.69 16.97
C GLY B 322 21.05 -0.99 15.70
N GLU B 323 22.31 -0.61 15.68
CA GLU B 323 23.12 -0.72 14.49
C GLU B 323 24.17 -1.81 14.60
N ILE B 324 24.34 -2.56 13.53
CA ILE B 324 25.39 -3.56 13.46
C ILE B 324 26.63 -2.91 12.89
N GLU B 325 27.77 -3.13 13.53
CA GLU B 325 29.01 -2.54 13.05
C GLU B 325 29.42 -3.16 11.73
N SER B 326 30.22 -2.45 10.95
CA SER B 326 30.62 -2.93 9.63
C SER B 326 31.40 -4.24 9.67
N LYS B 327 31.95 -4.58 10.82
CA LYS B 327 32.69 -5.82 10.99
C LYS B 327 31.89 -6.82 11.82
N ALA B 328 30.64 -6.47 12.11
CA ALA B 328 29.74 -7.28 12.92
C ALA B 328 30.39 -7.69 14.23
N ALA B 329 31.15 -6.79 14.84
CA ALA B 329 31.85 -7.10 16.07
C ALA B 329 30.96 -6.96 17.29
N ASN B 330 29.76 -6.44 17.09
CA ASN B 330 28.86 -6.19 18.20
C ASN B 330 27.57 -6.98 18.12
N LEU B 331 27.56 -8.13 17.45
CA LEU B 331 26.29 -8.84 17.35
C LEU B 331 25.81 -9.32 18.71
N ASN B 332 26.72 -9.78 19.56
CA ASN B 332 26.32 -10.27 20.86
C ASN B 332 26.08 -9.11 21.80
N ASN B 333 26.83 -8.03 21.62
CA ASN B 333 26.68 -6.88 22.48
C ASN B 333 25.38 -6.18 22.17
N LEU B 334 24.99 -6.20 20.91
CA LEU B 334 23.77 -5.56 20.47
C LEU B 334 22.57 -6.25 21.05
N VAL B 335 22.58 -7.58 21.05
CA VAL B 335 21.46 -8.32 21.62
C VAL B 335 21.36 -8.07 23.12
N VAL B 336 22.50 -8.09 23.81
CA VAL B 336 22.47 -7.90 25.25
C VAL B 336 22.03 -6.49 25.61
N GLU B 337 22.56 -5.47 24.93
CA GLU B 337 22.14 -4.13 25.25
C GLU B 337 20.68 -3.92 24.93
N ALA B 338 20.21 -4.47 23.83
CA ALA B 338 18.82 -4.30 23.47
C ALA B 338 17.92 -4.92 24.53
N TYR B 339 18.31 -6.10 25.02
CA TYR B 339 17.54 -6.76 26.07
C TYR B 339 17.49 -5.92 27.31
N GLN B 340 18.64 -5.46 27.76
CA GLN B 340 18.73 -4.70 28.98
C GLN B 340 17.94 -3.40 28.88
N LYS B 341 17.94 -2.80 27.70
CA LYS B 341 17.18 -1.58 27.47
C LYS B 341 15.67 -1.84 27.44
N LEU B 342 15.25 -2.92 26.80
CA LEU B 342 13.82 -3.23 26.72
C LEU B 342 13.21 -3.48 28.09
N ILE B 343 13.93 -4.17 28.97
CA ILE B 343 13.38 -4.48 30.28
C ILE B 343 13.28 -3.25 31.18
N SER B 344 13.87 -2.13 30.79
CA SER B 344 13.84 -0.95 31.62
C SER B 344 12.71 -0.01 31.23
N GLU B 345 11.95 -0.38 30.20
CA GLU B 345 10.87 0.46 29.71
C GLU B 345 9.51 -0.16 30.00
N VAL B 346 8.68 0.56 30.74
CA VAL B 346 7.37 0.06 31.10
C VAL B 346 6.25 0.97 30.62
N LYS B 347 5.35 0.40 29.86
CA LYS B 347 4.21 1.14 29.34
C LYS B 347 3.05 0.21 29.14
N VAL B 348 1.84 0.71 29.29
CA VAL B 348 0.67 -0.13 29.12
C VAL B 348 -0.26 0.45 28.08
N GLN B 349 -1.09 -0.42 27.54
CA GLN B 349 -2.14 0.00 26.64
C GLN B 349 -3.39 -0.76 27.01
N VAL B 350 -4.55 -0.20 26.69
CA VAL B 350 -5.78 -0.88 27.05
C VAL B 350 -6.61 -1.27 25.84
N GLU B 351 -7.01 -2.53 25.83
CA GLU B 351 -7.89 -3.05 24.81
C GLU B 351 -9.31 -2.94 25.32
N ASN B 352 -10.01 -1.95 24.81
CA ASN B 352 -11.34 -1.64 25.30
C ASN B 352 -12.44 -2.03 24.34
N GLN B 353 -13.07 -3.16 24.60
CA GLN B 353 -14.17 -3.63 23.76
C GLN B 353 -15.51 -3.32 24.41
N VAL B 354 -15.47 -2.56 25.50
CA VAL B 354 -16.68 -2.29 26.26
C VAL B 354 -17.28 -0.97 25.80
N GLN B 355 -18.47 -1.03 25.23
CA GLN B 355 -19.07 0.17 24.67
C GLN B 355 -19.55 1.11 25.76
N GLY B 356 -19.33 2.40 25.51
CA GLY B 356 -19.78 3.44 26.43
C GLY B 356 -18.75 3.78 27.50
N ILE B 357 -17.63 3.05 27.51
CA ILE B 357 -16.60 3.26 28.51
C ILE B 357 -15.33 3.88 27.97
N TYR B 358 -14.86 4.91 28.66
CA TYR B 358 -13.62 5.58 28.33
C TYR B 358 -12.56 5.36 29.40
N PHE B 359 -11.34 5.02 28.98
CA PHE B 359 -10.23 4.83 29.90
C PHE B 359 -9.19 5.94 29.79
N ASN B 360 -8.69 6.42 30.95
CA ASN B 360 -7.65 7.43 31.06
C ASN B 360 -6.57 6.97 32.05
N ILE B 361 -5.39 6.58 31.54
CA ILE B 361 -4.30 6.00 32.35
C ILE B 361 -3.09 6.92 32.43
N THR B 362 -2.61 7.17 33.65
CA THR B 362 -1.40 7.98 33.85
C THR B 362 -0.33 7.19 34.57
N ALA B 363 0.87 7.14 33.99
CA ALA B 363 1.96 6.43 34.63
C ALA B 363 2.62 7.29 35.69
N ILE B 364 2.93 6.68 36.82
CA ILE B 364 3.65 7.32 37.90
C ILE B 364 5.04 6.71 37.99
N CYS B 365 6.05 7.49 37.60
CA CYS B 365 7.42 7.03 37.40
C CYS B 365 8.23 7.13 38.70
N PRO B 366 9.35 6.35 38.86
CA PRO B 366 10.22 6.32 40.03
C PRO B 366 10.73 7.67 40.51
N ASP B 367 10.87 8.64 39.61
CA ASP B 367 11.38 9.94 40.01
C ASP B 367 10.26 10.93 40.34
N GLY B 368 9.02 10.44 40.36
CA GLY B 368 7.87 11.27 40.69
C GLY B 368 7.25 11.92 39.46
N SER B 369 7.87 11.76 38.30
CA SER B 369 7.30 12.37 37.11
C SER B 369 6.09 11.58 36.68
N ARG B 370 5.25 12.19 35.86
CA ARG B 370 4.09 11.51 35.32
C ARG B 370 4.12 11.49 33.81
N LYS B 371 3.70 10.38 33.24
CA LYS B 371 3.67 10.20 31.80
C LYS B 371 2.34 9.56 31.38
N PRO B 372 1.54 10.23 30.56
CA PRO B 372 0.20 9.83 30.18
C PRO B 372 0.18 8.64 29.23
N GLY B 373 -0.89 7.86 29.30
CA GLY B 373 -1.18 6.82 28.34
C GLY B 373 -0.07 5.79 28.29
N MET B 374 0.33 5.47 27.06
CA MET B 374 1.40 4.50 26.85
C MET B 374 2.73 5.17 26.60
N GLU B 375 2.87 6.43 27.03
CA GLU B 375 4.14 7.12 26.87
C GLU B 375 5.20 6.31 27.63
N GLY B 376 4.83 5.85 28.82
CA GLY B 376 5.68 4.96 29.60
C GLY B 376 6.69 5.64 30.49
N CYS B 377 7.24 4.86 31.42
CA CYS B 377 8.32 5.27 32.33
C CYS B 377 9.60 4.56 31.86
N ARG B 378 10.71 5.30 31.92
CA ARG B 378 12.03 4.81 31.50
C ARG B 378 12.93 4.65 32.71
N ASN B 379 14.05 3.92 32.53
CA ASN B 379 15.08 3.71 33.55
C ASN B 379 14.53 2.99 34.80
N VAL B 380 13.66 1.99 34.57
CA VAL B 380 13.08 1.16 35.63
C VAL B 380 13.92 -0.09 35.81
N THR B 381 14.26 -0.40 37.05
CA THR B 381 15.12 -1.54 37.32
C THR B 381 14.37 -2.65 38.03
N SER B 382 15.07 -3.69 38.41
CA SER B 382 14.45 -4.72 39.21
C SER B 382 14.29 -4.10 40.60
N ASN B 383 13.44 -4.69 41.43
CA ASN B 383 13.20 -4.14 42.77
C ASN B 383 12.82 -2.66 42.67
N ASP B 384 12.02 -2.34 41.66
CA ASP B 384 11.60 -0.98 41.38
C ASP B 384 10.19 -1.02 40.82
N GLU B 385 9.23 -0.52 41.56
CA GLU B 385 7.84 -0.62 41.16
C GLU B 385 7.39 0.61 40.40
N VAL B 386 6.55 0.41 39.39
CA VAL B 386 5.95 1.51 38.64
C VAL B 386 4.45 1.43 38.82
N LEU B 387 3.81 2.56 39.06
CA LEU B 387 2.39 2.51 39.26
C LEU B 387 1.65 3.15 38.11
N PHE B 388 0.49 2.64 37.78
CA PHE B 388 -0.34 3.25 36.77
C PHE B 388 -1.71 3.60 37.35
N ASN B 389 -2.07 4.88 37.36
CA ASN B 389 -3.33 5.37 37.90
C ASN B 389 -4.40 5.31 36.81
N VAL B 390 -5.35 4.37 36.95
CA VAL B 390 -6.35 4.08 35.93
C VAL B 390 -7.71 4.62 36.29
N THR B 391 -8.20 5.54 35.46
CA THR B 391 -9.53 6.09 35.66
C THR B 391 -10.46 5.54 34.60
N VAL B 392 -11.60 5.02 35.04
CA VAL B 392 -12.56 4.48 34.10
C VAL B 392 -13.87 5.25 34.26
N THR B 393 -14.38 5.76 33.17
CA THR B 393 -15.62 6.53 33.23
C THR B 393 -16.64 6.08 32.21
N MET B 394 -17.90 6.12 32.60
CA MET B 394 -18.98 5.75 31.69
C MET B 394 -19.63 6.99 31.12
N LYS B 395 -19.77 7.01 29.80
CA LYS B 395 -20.36 8.17 29.13
C LYS B 395 -21.77 7.87 28.67
N LYS B 396 -22.01 6.65 28.23
CA LYS B 396 -23.32 6.31 27.70
C LYS B 396 -23.70 4.86 27.96
N CYS B 397 -25.01 4.59 27.93
CA CYS B 397 -25.61 3.28 28.12
C CYS B 397 -25.62 2.48 26.81
N ASP B 398 -25.43 1.15 26.92
CA ASP B 398 -25.43 0.23 25.77
C ASP B 398 -25.72 -1.20 26.24
N ASN B 404 -19.35 -7.23 29.85
CA ASN B 404 -18.13 -7.24 29.06
C ASN B 404 -16.96 -6.80 29.94
N TYR B 405 -15.74 -6.79 29.38
CA TYR B 405 -14.50 -6.45 30.08
C TYR B 405 -13.45 -5.85 29.14
N ALA B 406 -12.45 -5.22 29.73
CA ALA B 406 -11.33 -4.64 28.99
C ALA B 406 -10.02 -5.17 29.56
N ILE B 407 -8.97 -5.20 28.74
CA ILE B 407 -7.68 -5.67 29.24
C ILE B 407 -6.60 -4.61 29.20
N ILE B 408 -5.97 -4.39 30.35
CA ILE B 408 -4.87 -3.44 30.43
C ILE B 408 -3.59 -4.24 30.59
N LYS B 409 -2.67 -4.08 29.65
CA LYS B 409 -1.46 -4.87 29.75
C LYS B 409 -0.22 -4.06 29.43
N PRO B 410 0.87 -4.28 30.15
CA PRO B 410 2.20 -3.84 29.83
C PRO B 410 2.63 -4.47 28.53
N ILE B 411 3.26 -3.67 27.70
CA ILE B 411 3.71 -4.17 26.42
C ILE B 411 5.00 -4.95 26.59
N GLY B 412 5.00 -6.19 26.09
CA GLY B 412 6.17 -7.04 26.18
C GLY B 412 6.19 -7.95 27.42
N PHE B 413 5.12 -7.91 28.22
CA PHE B 413 5.01 -8.74 29.42
C PHE B 413 4.03 -9.89 29.19
N ASN B 414 4.20 -11.00 29.94
CA ASN B 414 3.34 -12.19 29.81
C ASN B 414 2.20 -12.22 30.85
N GLU B 415 1.96 -11.09 31.54
CA GLU B 415 0.88 -10.93 32.53
C GLU B 415 0.02 -9.72 32.21
N THR B 416 -1.29 -9.84 32.38
CA THR B 416 -2.21 -8.75 32.08
C THR B 416 -3.18 -8.53 33.22
N ALA B 417 -3.82 -7.35 33.24
CA ALA B 417 -4.86 -7.06 34.22
C ALA B 417 -6.21 -6.99 33.52
N LYS B 418 -7.12 -7.88 33.89
CA LYS B 418 -8.44 -7.93 33.25
C LYS B 418 -9.48 -7.24 34.10
N ILE B 419 -10.13 -6.23 33.55
CA ILE B 419 -11.15 -5.51 34.30
C ILE B 419 -12.55 -5.72 33.75
N HIS B 420 -13.44 -6.17 34.62
CA HIS B 420 -14.82 -6.42 34.25
C HIS B 420 -15.65 -5.22 34.61
N ILE B 421 -16.53 -4.81 33.70
CA ILE B 421 -17.31 -3.63 34.00
C ILE B 421 -18.80 -3.91 34.10
N HIS B 422 -19.31 -3.81 35.30
CA HIS B 422 -20.72 -3.96 35.57
C HIS B 422 -21.33 -2.60 35.39
N ARG B 423 -22.57 -2.53 34.94
CA ARG B 423 -23.15 -1.22 34.77
C ARG B 423 -24.65 -1.23 34.87
N ASN B 424 -25.20 -0.07 35.17
CA ASN B 424 -26.64 0.11 35.20
C ASN B 424 -26.98 1.55 34.82
N CYS B 425 -28.25 1.79 34.46
CA CYS B 425 -28.76 3.10 34.04
C CYS B 425 -30.15 3.36 34.63
N PRO C 42 39.11 -19.50 17.74
CA PRO C 42 37.75 -19.93 17.42
C PRO C 42 37.76 -20.99 16.28
N PRO C 43 38.26 -22.24 16.54
CA PRO C 43 38.34 -23.35 15.59
C PRO C 43 36.97 -23.97 15.31
N GLY C 44 36.86 -24.65 14.18
CA GLY C 44 35.66 -25.39 13.81
C GLY C 44 35.21 -25.07 12.39
N PRO C 45 34.45 -23.99 12.19
CA PRO C 45 34.00 -23.48 10.90
C PRO C 45 35.15 -22.80 10.17
N LEU C 46 35.04 -22.70 8.86
CA LEU C 46 35.99 -21.90 8.11
C LEU C 46 35.33 -20.61 7.65
N PRO C 47 36.10 -19.50 7.57
CA PRO C 47 35.70 -18.24 7.00
C PRO C 47 35.64 -18.36 5.49
N GLU C 48 34.87 -17.50 4.85
CA GLU C 48 34.75 -17.54 3.40
C GLU C 48 36.09 -17.46 2.68
N ALA C 49 37.00 -16.61 3.14
CA ALA C 49 38.26 -16.41 2.44
C ALA C 49 39.09 -17.70 2.36
N VAL C 50 39.09 -18.47 3.43
CA VAL C 50 39.88 -19.69 3.51
C VAL C 50 39.26 -20.80 2.68
N LEU C 51 37.96 -20.99 2.82
CA LEU C 51 37.32 -22.04 2.06
C LEU C 51 37.38 -21.73 0.58
N ALA C 52 37.15 -20.47 0.23
CA ALA C 52 37.19 -20.07 -1.17
C ALA C 52 38.55 -20.33 -1.76
N LEU C 53 39.62 -20.04 -1.02
CA LEU C 53 40.95 -20.29 -1.55
C LEU C 53 41.18 -21.78 -1.75
N TYR C 54 40.80 -22.58 -0.76
CA TYR C 54 40.97 -24.02 -0.86
C TYR C 54 40.34 -24.55 -2.13
N ASN C 55 39.12 -24.12 -2.42
CA ASN C 55 38.46 -24.57 -3.63
C ASN C 55 39.07 -23.94 -4.87
N SER C 56 39.59 -22.71 -4.77
CA SER C 56 40.16 -22.05 -5.94
C SER C 56 41.40 -22.77 -6.43
N THR C 57 42.19 -23.32 -5.53
CA THR C 57 43.41 -23.99 -5.94
C THR C 57 43.13 -25.31 -6.67
N ARG C 58 41.87 -25.75 -6.67
CA ARG C 58 41.52 -26.97 -7.39
C ARG C 58 40.37 -26.75 -8.38
N ASP C 59 40.08 -25.50 -8.75
CA ASP C 59 38.95 -25.23 -9.65
C ASP C 59 39.29 -25.42 -11.12
N ARG C 60 40.54 -25.19 -11.48
CA ARG C 60 41.01 -25.36 -12.85
C ARG C 60 41.57 -26.76 -13.05
N VAL C 61 41.08 -27.46 -14.09
CA VAL C 61 41.51 -28.82 -14.45
C VAL C 61 41.61 -28.87 -15.97
N ALA C 78 55.27 -26.93 1.16
CA ALA C 78 56.22 -25.97 1.75
C ALA C 78 56.12 -24.58 1.07
N LYS C 79 54.92 -24.23 0.57
CA LYS C 79 54.62 -22.93 -0.07
C LYS C 79 53.28 -22.39 0.42
N GLU C 80 53.14 -21.07 0.43
CA GLU C 80 51.88 -20.45 0.80
C GLU C 80 51.20 -19.87 -0.44
N VAL C 81 49.88 -19.79 -0.40
CA VAL C 81 49.13 -19.27 -1.54
C VAL C 81 48.20 -18.15 -1.13
N THR C 82 48.18 -17.08 -1.92
CA THR C 82 47.31 -15.94 -1.69
C THR C 82 46.60 -15.56 -2.97
N ARG C 83 45.64 -14.66 -2.89
CA ARG C 83 44.97 -14.17 -4.10
C ARG C 83 44.86 -12.66 -4.11
N VAL C 84 45.07 -12.10 -5.29
CA VAL C 84 44.90 -10.68 -5.54
C VAL C 84 43.80 -10.52 -6.55
N LEU C 85 42.73 -9.83 -6.17
CA LEU C 85 41.60 -9.74 -7.08
C LEU C 85 41.66 -8.47 -7.90
N MET C 86 41.06 -8.50 -9.07
CA MET C 86 41.03 -7.34 -9.93
C MET C 86 40.28 -6.18 -9.31
N VAL C 87 40.63 -4.99 -9.75
CA VAL C 87 39.96 -3.79 -9.30
C VAL C 87 38.58 -3.73 -9.94
N GLU C 88 37.61 -3.22 -9.20
CA GLU C 88 36.25 -3.11 -9.71
C GLU C 88 36.20 -2.28 -11.00
N SER C 89 35.41 -2.75 -11.97
CA SER C 89 35.33 -2.06 -13.24
C SER C 89 34.70 -0.68 -13.15
N GLY C 90 33.83 -0.51 -12.17
CA GLY C 90 33.18 0.77 -11.94
C GLY C 90 34.01 1.67 -11.03
N ASN C 91 35.21 1.20 -10.66
CA ASN C 91 36.09 1.96 -9.78
C ASN C 91 37.35 2.40 -10.51
N GLN C 92 37.95 1.48 -11.29
CA GLN C 92 39.20 1.78 -11.98
C GLN C 92 39.30 1.32 -13.43
N ILE C 93 38.70 0.18 -13.80
CA ILE C 93 39.00 -0.38 -15.13
C ILE C 93 38.61 0.60 -16.21
N TYR C 94 37.44 1.22 -16.07
CA TYR C 94 36.95 2.08 -17.12
C TYR C 94 37.29 3.56 -16.87
N ASP C 95 38.11 3.84 -15.87
CA ASP C 95 38.52 5.22 -15.64
C ASP C 95 39.83 5.50 -16.36
N LYS C 96 40.62 4.47 -16.59
CA LYS C 96 41.89 4.65 -17.28
C LYS C 96 41.64 4.70 -18.78
N PHE C 97 40.60 3.99 -19.22
CA PHE C 97 40.22 3.99 -20.61
C PHE C 97 38.74 3.69 -20.78
N LYS C 98 38.41 2.46 -21.15
CA LYS C 98 37.04 1.99 -21.34
C LYS C 98 37.03 0.56 -21.83
N GLY C 99 35.87 -0.08 -21.79
CA GLY C 99 35.72 -1.36 -22.48
C GLY C 99 35.33 -1.06 -23.92
N THR C 100 35.76 -1.92 -24.84
CA THR C 100 35.40 -1.73 -26.24
C THR C 100 34.95 -3.09 -26.80
N PRO C 101 34.14 -3.13 -27.87
CA PRO C 101 33.63 -4.35 -28.47
C PRO C 101 34.66 -5.06 -29.33
N HIS C 102 35.78 -5.40 -28.70
CA HIS C 102 36.88 -6.09 -29.34
C HIS C 102 37.94 -6.39 -28.30
N SER C 103 37.88 -5.69 -27.15
CA SER C 103 38.87 -5.88 -26.10
C SER C 103 38.36 -5.61 -24.68
N LEU C 104 39.06 -6.22 -23.73
CA LEU C 104 38.78 -6.13 -22.31
C LEU C 104 40.04 -5.83 -21.50
N TYR C 105 39.90 -4.98 -20.48
CA TYR C 105 41.04 -4.67 -19.61
C TYR C 105 40.88 -5.24 -18.21
N MET C 106 42.02 -5.60 -17.61
CA MET C 106 42.07 -6.12 -16.25
C MET C 106 43.15 -5.40 -15.45
N LEU C 107 42.77 -4.62 -14.46
CA LEU C 107 43.76 -3.89 -13.69
C LEU C 107 43.85 -4.46 -12.29
N PHE C 108 45.05 -4.38 -11.72
CA PHE C 108 45.31 -4.84 -10.38
C PHE C 108 46.05 -3.78 -9.57
N ASN C 109 45.81 -3.78 -8.26
CA ASN C 109 46.48 -2.88 -7.35
C ASN C 109 47.80 -3.47 -6.90
N THR C 110 48.90 -2.83 -7.28
CA THR C 110 50.23 -3.36 -7.02
C THR C 110 50.55 -3.34 -5.54
N SER C 111 50.00 -2.38 -4.81
CA SER C 111 50.32 -2.27 -3.39
C SER C 111 49.69 -3.44 -2.67
N GLU C 112 48.46 -3.75 -3.06
CA GLU C 112 47.74 -4.86 -2.45
C GLU C 112 48.44 -6.17 -2.77
N LEU C 113 48.99 -6.28 -3.97
CA LEU C 113 49.73 -7.48 -4.31
C LEU C 113 50.96 -7.61 -3.43
N ARG C 114 51.70 -6.52 -3.28
CA ARG C 114 52.93 -6.53 -2.48
C ARG C 114 52.63 -6.90 -1.03
N GLU C 115 51.47 -6.54 -0.53
CA GLU C 115 51.13 -6.92 0.83
C GLU C 115 51.13 -8.44 0.98
N ALA C 116 50.76 -9.16 -0.08
CA ALA C 116 50.75 -10.62 -0.05
C ALA C 116 52.14 -11.18 -0.37
N VAL C 117 52.75 -10.65 -1.44
CA VAL C 117 54.06 -11.09 -1.87
C VAL C 117 54.94 -9.87 -2.16
N PRO C 118 55.59 -9.29 -1.13
CA PRO C 118 56.31 -8.03 -1.17
C PRO C 118 57.62 -8.04 -1.96
N GLU C 119 58.13 -9.21 -2.30
CA GLU C 119 59.44 -9.23 -2.93
C GLU C 119 59.49 -10.08 -4.21
N PRO C 120 60.22 -9.60 -5.24
CA PRO C 120 60.43 -10.19 -6.55
C PRO C 120 61.24 -11.47 -6.48
N VAL C 121 61.80 -11.76 -5.32
CA VAL C 121 62.60 -12.95 -5.12
C VAL C 121 61.91 -13.91 -4.15
N LEU C 122 60.68 -13.59 -3.75
CA LEU C 122 59.95 -14.43 -2.84
C LEU C 122 58.92 -15.25 -3.64
N LEU C 123 58.38 -14.60 -4.67
CA LEU C 123 57.37 -15.21 -5.53
C LEU C 123 57.88 -16.49 -6.18
N SER C 124 57.09 -17.55 -6.12
CA SER C 124 57.47 -18.82 -6.74
C SER C 124 56.70 -19.05 -8.03
N ARG C 125 55.44 -18.63 -8.04
CA ARG C 125 54.57 -18.80 -9.20
C ARG C 125 53.42 -17.81 -9.19
N ALA C 126 52.86 -17.52 -10.36
CA ALA C 126 51.65 -16.72 -10.42
C ALA C 126 50.80 -17.15 -11.61
N GLU C 127 49.50 -17.24 -11.38
CA GLU C 127 48.57 -17.59 -12.44
C GLU C 127 47.45 -16.59 -12.56
N LEU C 128 47.06 -16.28 -13.77
CA LEU C 128 45.95 -15.38 -13.98
C LEU C 128 44.70 -16.19 -14.24
N ARG C 129 43.70 -16.01 -13.40
CA ARG C 129 42.49 -16.80 -13.49
C ARG C 129 41.29 -16.00 -13.96
N LEU C 130 40.63 -16.51 -14.99
CA LEU C 130 39.44 -15.89 -15.55
C LEU C 130 38.28 -16.86 -15.58
N LEU C 131 37.07 -16.36 -15.33
CA LEU C 131 35.90 -17.22 -15.43
C LEU C 131 35.12 -16.95 -16.70
N ARG C 132 35.23 -17.89 -17.63
CA ARG C 132 34.60 -17.79 -18.95
C ARG C 132 33.17 -18.22 -18.86
N LEU C 133 32.28 -17.47 -19.47
CA LEU C 133 30.87 -17.81 -19.47
C LEU C 133 30.53 -18.56 -20.75
N LYS C 134 29.35 -19.18 -20.78
CA LYS C 134 28.93 -19.98 -21.93
C LYS C 134 29.30 -19.30 -23.24
N LEU C 135 30.00 -20.04 -24.11
CA LEU C 135 30.48 -19.50 -25.37
C LEU C 135 29.69 -19.98 -26.58
N LYS C 136 29.12 -21.18 -26.47
CA LYS C 136 28.30 -21.80 -27.52
C LYS C 136 29.04 -22.27 -28.76
N VAL C 137 29.78 -21.38 -29.44
CA VAL C 137 30.42 -21.77 -30.69
C VAL C 137 31.96 -21.73 -30.65
N GLU C 138 32.56 -20.54 -30.64
CA GLU C 138 34.02 -20.45 -30.57
C GLU C 138 34.48 -19.01 -30.49
N GLN C 139 35.68 -18.82 -29.94
CA GLN C 139 36.35 -17.51 -29.95
C GLN C 139 37.88 -17.67 -29.92
N HIS C 140 38.58 -16.93 -30.77
CA HIS C 140 40.04 -16.92 -30.76
C HIS C 140 40.51 -15.60 -30.17
N VAL C 141 41.22 -15.66 -29.03
CA VAL C 141 41.63 -14.46 -28.31
C VAL C 141 43.12 -14.46 -28.01
N GLU C 142 43.65 -13.28 -27.71
CA GLU C 142 45.05 -13.15 -27.29
C GLU C 142 45.16 -12.31 -26.02
N LEU C 143 46.18 -12.62 -25.20
CA LEU C 143 46.49 -11.94 -23.96
C LEU C 143 47.79 -11.14 -24.07
N TYR C 144 47.76 -9.90 -23.62
CA TYR C 144 48.90 -8.99 -23.70
C TYR C 144 49.36 -8.48 -22.34
N GLN C 145 50.65 -8.24 -22.21
CA GLN C 145 51.25 -7.66 -21.00
C GLN C 145 51.43 -6.15 -21.16
N LYS C 146 51.30 -5.41 -20.06
CA LYS C 146 51.56 -3.96 -20.09
C LYS C 146 53.04 -3.62 -19.86
N TYR C 147 53.56 -2.76 -20.73
CA TYR C 147 54.93 -2.28 -20.67
C TYR C 147 54.99 -0.76 -20.66
N SER C 148 55.96 -0.19 -19.95
CA SER C 148 56.18 1.25 -19.90
C SER C 148 54.93 2.02 -19.47
N ASN C 149 54.00 1.30 -18.85
CA ASN C 149 52.73 1.82 -18.35
C ASN C 149 51.79 2.32 -19.45
N ASP C 150 52.12 2.08 -20.72
CA ASP C 150 51.24 2.55 -21.79
C ASP C 150 51.25 1.73 -23.08
N SER C 151 52.01 0.63 -23.11
CA SER C 151 52.10 -0.19 -24.31
C SER C 151 51.72 -1.62 -24.03
N TRP C 152 51.26 -2.32 -25.06
CA TRP C 152 50.90 -3.72 -24.87
C TRP C 152 51.69 -4.61 -25.83
N ARG C 153 52.09 -5.78 -25.35
CA ARG C 153 52.77 -6.73 -26.23
C ARG C 153 52.25 -8.13 -26.02
N TYR C 154 52.33 -8.94 -27.07
CA TYR C 154 51.84 -10.30 -27.00
C TYR C 154 52.50 -11.10 -25.91
N LEU C 155 51.67 -11.78 -25.11
CA LEU C 155 52.16 -12.63 -24.06
C LEU C 155 51.86 -14.10 -24.37
N SER C 156 50.59 -14.38 -24.66
CA SER C 156 50.11 -15.74 -24.95
C SER C 156 48.74 -15.68 -25.62
N ASN C 157 48.23 -16.81 -26.10
CA ASN C 157 46.88 -16.80 -26.65
C ASN C 157 46.13 -18.11 -26.44
N ARG C 158 44.84 -18.10 -26.80
CA ARG C 158 43.97 -19.25 -26.60
C ARG C 158 42.87 -19.43 -27.63
N LEU C 159 42.53 -20.67 -27.89
CA LEU C 159 41.36 -21.01 -28.67
C LEU C 159 40.30 -21.44 -27.68
N LEU C 160 39.19 -20.72 -27.65
CA LEU C 160 38.17 -20.98 -26.66
C LEU C 160 37.08 -21.90 -27.20
N ALA C 161 36.91 -23.00 -26.48
CA ALA C 161 35.94 -24.06 -26.77
C ALA C 161 34.51 -23.59 -26.53
N PRO C 162 33.53 -24.17 -27.24
CA PRO C 162 32.11 -23.90 -27.13
C PRO C 162 31.53 -24.47 -25.86
N SER C 163 31.93 -23.93 -24.73
CA SER C 163 31.45 -24.45 -23.46
C SER C 163 29.98 -24.14 -23.26
N ASP C 164 29.31 -25.01 -22.51
CA ASP C 164 27.90 -24.85 -22.13
C ASP C 164 27.75 -24.18 -20.77
N SER C 165 28.74 -24.36 -19.91
CA SER C 165 28.70 -23.85 -18.55
C SER C 165 29.88 -22.91 -18.35
N PRO C 166 29.88 -22.09 -17.30
CA PRO C 166 31.01 -21.30 -16.87
C PRO C 166 32.21 -22.20 -16.55
N GLU C 167 33.40 -21.76 -16.94
CA GLU C 167 34.63 -22.53 -16.67
C GLU C 167 35.80 -21.63 -16.31
N TRP C 168 36.66 -22.09 -15.39
CA TRP C 168 37.85 -21.33 -15.07
C TRP C 168 39.00 -21.65 -16.01
N LEU C 169 39.65 -20.59 -16.50
CA LEU C 169 40.82 -20.67 -17.35
C LEU C 169 42.01 -20.16 -16.57
N SER C 170 43.21 -20.62 -16.93
CA SER C 170 44.40 -20.12 -16.26
C SER C 170 45.54 -19.85 -17.23
N PHE C 171 46.30 -18.81 -16.92
CA PHE C 171 47.51 -18.45 -17.66
C PHE C 171 48.71 -18.39 -16.74
N ASP C 172 49.88 -18.79 -17.22
CA ASP C 172 51.09 -18.66 -16.42
C ASP C 172 51.68 -17.29 -16.59
N VAL C 173 51.61 -16.49 -15.53
CA VAL C 173 52.03 -15.11 -15.58
C VAL C 173 53.12 -14.85 -14.54
N THR C 174 53.83 -15.90 -14.13
CA THR C 174 54.84 -15.77 -13.09
C THR C 174 55.85 -14.70 -13.42
N GLY C 175 56.37 -14.70 -14.65
CA GLY C 175 57.36 -13.73 -15.05
C GLY C 175 56.79 -12.34 -15.06
N VAL C 176 55.52 -12.23 -15.44
CA VAL C 176 54.86 -10.95 -15.57
C VAL C 176 54.68 -10.31 -14.21
N VAL C 177 54.20 -11.10 -13.26
CA VAL C 177 53.98 -10.59 -11.92
C VAL C 177 55.31 -10.23 -11.29
N ARG C 178 56.32 -11.07 -11.47
CA ARG C 178 57.61 -10.80 -10.90
C ARG C 178 58.17 -9.47 -11.41
N GLN C 179 57.99 -9.20 -12.70
CA GLN C 179 58.45 -7.93 -13.28
C GLN C 179 57.65 -6.75 -12.73
N TRP C 180 56.34 -6.92 -12.61
CA TRP C 180 55.49 -5.86 -12.11
C TRP C 180 55.72 -5.60 -10.63
N LEU C 181 56.11 -6.65 -9.92
CA LEU C 181 56.43 -6.60 -8.50
C LEU C 181 57.71 -5.79 -8.29
N THR C 182 58.68 -5.99 -9.18
CA THR C 182 59.94 -5.25 -9.15
C THR C 182 59.71 -3.77 -9.48
N ARG C 183 58.92 -3.51 -10.52
CA ARG C 183 58.66 -2.14 -10.98
C ARG C 183 57.98 -1.33 -9.88
N ARG C 184 58.45 -0.11 -9.67
CA ARG C 184 57.87 0.73 -8.63
C ARG C 184 56.66 1.50 -9.16
N GLU C 185 55.62 0.75 -9.49
CA GLU C 185 54.39 1.29 -10.07
C GLU C 185 53.20 1.03 -9.16
N ALA C 186 52.13 1.82 -9.33
CA ALA C 186 50.90 1.64 -8.56
C ALA C 186 49.88 0.76 -9.28
N ILE C 187 49.82 0.86 -10.60
CA ILE C 187 48.83 0.11 -11.37
C ILE C 187 49.47 -0.81 -12.38
N GLU C 188 49.03 -2.06 -12.37
CA GLU C 188 49.51 -3.08 -13.30
C GLU C 188 48.30 -3.72 -13.95
N GLY C 189 48.45 -4.35 -15.11
CA GLY C 189 47.28 -5.01 -15.67
C GLY C 189 47.52 -5.77 -16.95
N PHE C 190 46.46 -6.42 -17.39
CA PHE C 190 46.44 -7.25 -18.58
C PHE C 190 45.41 -6.74 -19.58
N ARG C 191 45.64 -7.06 -20.84
CA ARG C 191 44.68 -6.74 -21.88
C ARG C 191 44.35 -7.98 -22.68
N LEU C 192 43.08 -8.18 -22.96
CA LEU C 192 42.66 -9.29 -23.79
C LEU C 192 41.88 -8.79 -24.98
N SER C 193 42.08 -9.42 -26.12
CA SER C 193 41.32 -9.01 -27.30
C SER C 193 41.08 -10.15 -28.26
N ALA C 194 40.11 -9.96 -29.14
CA ALA C 194 39.84 -10.94 -30.18
C ALA C 194 40.98 -10.94 -31.20
N HIS C 195 41.26 -12.12 -31.78
CA HIS C 195 42.24 -12.29 -32.86
C HIS C 195 41.65 -11.81 -34.19
N THR C 204 34.25 -7.85 -32.78
CA THR C 204 35.06 -9.05 -33.03
C THR C 204 35.23 -9.93 -31.78
N LEU C 205 34.92 -9.39 -30.58
CA LEU C 205 35.02 -10.12 -29.31
C LEU C 205 33.60 -10.38 -28.79
N HIS C 206 33.21 -11.63 -28.79
CA HIS C 206 31.85 -12.04 -28.41
C HIS C 206 31.83 -13.07 -27.30
N VAL C 207 32.89 -13.09 -26.49
CA VAL C 207 32.94 -13.98 -25.34
C VAL C 207 32.81 -13.16 -24.08
N GLU C 208 31.89 -13.56 -23.22
CA GLU C 208 31.68 -12.84 -21.98
C GLU C 208 32.37 -13.56 -20.83
N ILE C 209 32.87 -12.78 -19.89
CA ILE C 209 33.47 -13.33 -18.69
C ILE C 209 32.80 -12.70 -17.47
N ASN C 210 32.92 -13.36 -16.33
CA ASN C 210 32.28 -12.89 -15.11
C ASN C 210 32.76 -11.52 -14.63
N GLY C 211 31.80 -10.65 -14.28
CA GLY C 211 32.10 -9.31 -13.78
C GLY C 211 32.12 -8.29 -14.92
N PHE C 212 32.90 -7.23 -14.74
CA PHE C 212 33.03 -6.16 -15.74
C PHE C 212 31.73 -5.45 -16.10
N ASN C 213 30.96 -5.11 -15.08
CA ASN C 213 29.71 -4.36 -15.25
C ASN C 213 29.46 -3.51 -14.02
N SER C 214 28.68 -2.44 -14.21
CA SER C 214 28.32 -1.55 -13.10
C SER C 214 26.83 -1.25 -13.08
N GLY C 215 26.09 -1.88 -13.99
CA GLY C 215 24.65 -1.68 -14.11
C GLY C 215 23.89 -2.67 -13.24
N ARG C 216 24.64 -3.46 -12.48
CA ARG C 216 24.05 -4.46 -11.63
C ARG C 216 23.99 -4.00 -10.19
N ARG C 217 22.80 -3.73 -9.71
CA ARG C 217 22.62 -3.31 -8.35
C ARG C 217 21.39 -3.99 -7.79
N GLY C 218 20.91 -3.56 -6.64
CA GLY C 218 19.82 -4.27 -6.00
C GLY C 218 20.38 -5.36 -5.11
N ASP C 219 19.62 -6.42 -4.88
CA ASP C 219 20.07 -7.41 -3.92
C ASP C 219 21.35 -8.11 -4.36
N LEU C 220 21.54 -8.25 -5.66
CA LEU C 220 22.69 -8.99 -6.16
C LEU C 220 23.86 -8.07 -6.44
N ALA C 221 23.76 -6.82 -5.98
CA ALA C 221 24.78 -5.83 -6.23
C ALA C 221 26.16 -6.25 -5.76
N THR C 222 26.22 -6.91 -4.62
CA THR C 222 27.51 -7.26 -4.02
C THR C 222 28.09 -8.56 -4.52
N ILE C 223 27.25 -9.55 -4.80
CA ILE C 223 27.76 -10.85 -5.24
C ILE C 223 28.33 -10.74 -6.63
N HIS C 224 28.05 -9.62 -7.28
CA HIS C 224 28.55 -9.31 -8.60
C HIS C 224 30.07 -9.38 -8.62
N GLY C 225 30.71 -9.07 -7.49
CA GLY C 225 32.15 -9.05 -7.42
C GLY C 225 32.74 -10.41 -7.03
N MET C 226 31.89 -11.42 -6.83
CA MET C 226 32.38 -12.73 -6.45
C MET C 226 32.74 -13.53 -7.68
N ASN C 227 33.78 -14.35 -7.56
CA ASN C 227 34.31 -15.15 -8.66
C ASN C 227 34.82 -14.28 -9.80
N ARG C 228 35.19 -13.04 -9.50
CA ARG C 228 35.72 -12.21 -10.55
C ARG C 228 37.18 -12.63 -10.73
N PRO C 229 37.80 -12.36 -11.88
CA PRO C 229 39.17 -12.70 -12.19
C PRO C 229 40.15 -12.22 -11.15
N PHE C 230 41.18 -13.02 -10.95
CA PHE C 230 42.19 -12.77 -9.93
C PHE C 230 43.54 -13.40 -10.27
N LEU C 231 44.57 -12.93 -9.57
CA LEU C 231 45.88 -13.54 -9.64
C LEU C 231 46.09 -14.48 -8.47
N LEU C 232 46.42 -15.71 -8.80
CA LEU C 232 46.68 -16.73 -7.79
C LEU C 232 48.18 -16.75 -7.58
N LEU C 233 48.64 -16.40 -6.39
CA LEU C 233 50.06 -16.28 -6.17
C LEU C 233 50.60 -17.30 -5.20
N MET C 234 51.71 -17.91 -5.55
CA MET C 234 52.38 -18.85 -4.67
C MET C 234 53.74 -18.28 -4.34
N ALA C 235 54.14 -18.36 -3.07
CA ALA C 235 55.44 -17.82 -2.68
C ALA C 235 56.08 -18.60 -1.55
N THR C 236 57.41 -18.48 -1.48
CA THR C 236 58.20 -19.11 -0.44
C THR C 236 57.94 -18.37 0.87
N PRO C 237 57.69 -19.07 1.99
CA PRO C 237 57.60 -18.52 3.32
C PRO C 237 58.91 -17.84 3.69
N LEU C 238 58.82 -16.71 4.40
CA LEU C 238 60.03 -16.00 4.82
C LEU C 238 60.80 -16.84 5.83
N GLU C 239 60.07 -17.61 6.64
CA GLU C 239 60.67 -18.46 7.66
C GLU C 239 61.52 -19.55 7.02
N ARG C 240 61.09 -20.07 5.86
CA ARG C 240 61.84 -21.10 5.16
C ARG C 240 62.99 -20.52 4.31
N ALA C 241 62.77 -19.32 3.71
CA ALA C 241 63.73 -18.60 2.87
C ALA C 241 64.29 -19.49 1.77
C1 NAG D . 10.46 17.09 -6.79
C2 NAG D . 11.25 18.29 -7.43
C3 NAG D . 12.19 17.71 -8.52
C4 NAG D . 13.17 16.69 -7.89
C5 NAG D . 12.34 15.59 -7.17
C6 NAG D . 13.23 14.64 -6.39
C7 NAG D . 10.02 20.44 -7.54
C8 NAG D . 8.98 21.23 -8.26
N2 NAG D . 10.27 19.22 -8.00
O3 NAG D . 12.93 18.78 -9.11
O4 NAG D . 13.86 16.07 -9.00
O5 NAG D . 11.42 16.17 -6.19
O6 NAG D . 12.49 13.62 -5.75
O7 NAG D . 10.61 20.90 -6.55
C1 NAG D . 15.34 15.96 -8.83
C2 NAG D . 15.86 14.72 -9.65
C3 NAG D . 17.38 14.57 -9.39
C4 NAG D . 18.13 15.88 -9.79
C5 NAG D . 17.52 17.05 -8.96
C6 NAG D . 18.13 18.39 -9.34
C7 NAG D . 14.23 12.87 -9.82
C8 NAG D . 13.69 11.62 -9.18
N2 NAG D . 15.21 13.48 -9.19
O3 NAG D . 17.83 13.48 -10.19
O4 NAG D . 19.51 15.70 -9.39
O5 NAG D . 16.06 17.16 -9.20
O6 NAG D . 17.71 19.43 -8.45
O7 NAG D . 13.77 13.29 -10.88
C1 BMA D . 20.54 15.85 -10.49
C2 BMA D . 20.58 14.65 -11.48
C3 BMA D . 21.82 14.83 -12.39
C4 BMA D . 21.66 16.17 -13.14
C5 BMA D . 21.59 17.31 -12.10
C6 BMA D . 21.42 18.68 -12.75
O2 BMA D . 19.40 14.61 -12.27
O3 BMA D . 21.90 13.73 -13.33
O4 BMA D . 22.80 16.34 -13.98
O5 BMA D . 20.44 17.09 -11.21
O6 BMA D . 22.42 19.59 -12.31
C1 MAN D . 22.66 12.53 -12.79
C2 MAN D . 24.19 12.62 -13.06
C3 MAN D . 24.41 12.47 -14.56
C4 MAN D . 23.83 11.12 -14.99
C5 MAN D . 22.34 11.09 -14.67
C6 MAN D . 21.72 9.78 -15.03
O2 MAN D . 24.90 11.58 -12.37
O3 MAN D . 25.81 12.51 -14.85
O4 MAN D . 24.03 10.94 -16.38
O5 MAN D . 22.13 11.29 -13.25
O6 MAN D . 20.70 9.46 -14.10
C1 MAN D . 25.22 11.89 -10.91
C2 MAN D . 26.51 12.77 -10.76
C3 MAN D . 27.74 11.90 -11.12
C4 MAN D . 27.78 10.65 -10.22
C5 MAN D . 26.45 9.85 -10.41
C6 MAN D . 26.39 8.64 -9.49
O2 MAN D . 26.60 13.26 -9.41
O3 MAN D . 28.94 12.69 -10.96
O4 MAN D . 28.90 9.84 -10.57
O5 MAN D . 25.29 10.71 -10.08
O6 MAN D . 25.31 7.77 -9.85
C1 MAN D . 22.17 20.11 -10.93
C2 MAN D . 22.45 21.65 -10.85
C3 MAN D . 23.97 21.88 -11.02
C4 MAN D . 24.73 21.10 -9.92
C5 MAN D . 24.38 19.58 -10.04
C6 MAN D . 25.05 18.74 -8.95
O2 MAN D . 21.97 22.16 -9.61
O3 MAN D . 24.26 23.28 -10.94
O4 MAN D . 26.14 21.29 -10.09
O5 MAN D . 22.92 19.40 -9.91
O6 MAN D . 25.42 17.46 -9.45
C1 NAG E . -8.25 -21.31 -15.96
C2 NAG E . -8.79 -21.31 -14.48
C3 NAG E . -7.72 -21.98 -13.59
C4 NAG E . -7.45 -23.43 -14.09
C5 NAG E . -6.98 -23.35 -15.58
C6 NAG E . -6.76 -24.72 -16.21
C7 NAG E . -10.20 -19.31 -14.04
C8 NAG E . -10.24 -17.87 -13.59
N2 NAG E . -9.02 -19.92 -14.04
O3 NAG E . -8.20 -22.03 -12.24
O4 NAG E . -6.37 -23.98 -13.30
O5 NAG E . -8.00 -22.67 -16.40
O6 NAG E . -7.91 -25.55 -16.15
O7 NAG E . -11.21 -19.89 -14.43
C1 NAG E . -6.67 -25.32 -12.70
C2 NAG E . -5.33 -26.05 -12.31
C3 NAG E . -5.70 -27.47 -11.81
C4 NAG E . -6.66 -27.35 -10.58
C5 NAG E . -7.93 -26.57 -11.02
C6 NAG E . -8.89 -26.35 -9.86
C7 NAG E . -3.40 -25.37 -13.71
C8 NAG E . -2.63 -25.60 -14.98
N2 NAG E . -4.46 -26.15 -13.50
O3 NAG E . -4.51 -28.17 -11.42
O4 NAG E . -7.00 -28.66 -10.12
O5 NAG E . -7.55 -25.24 -11.55
O6 NAG E . -8.28 -25.65 -8.78
O7 NAG E . -3.07 -24.49 -12.91
C1 NAG F . 23.40 -30.85 22.07
C2 NAG F . 23.44 -32.22 22.84
C3 NAG F . 24.68 -33.01 22.35
C4 NAG F . 24.57 -33.23 20.82
C5 NAG F . 24.49 -31.85 20.11
C6 NAG F . 24.29 -31.97 18.61
C7 NAG F . 22.54 -32.06 25.14
C8 NAG F . 22.82 -31.76 26.58
N2 NAG F . 23.55 -31.95 24.29
O3 NAG F . 24.73 -34.27 23.03
O4 NAG F . 25.78 -33.90 20.38
O5 NAG F . 23.34 -31.09 20.64
O6 NAG F . 24.34 -30.70 17.98
O7 NAG F . 21.41 -32.40 24.77
C1 NAG F . 25.55 -35.16 19.61
C2 NAG F . 26.80 -35.51 18.73
C3 NAG F . 26.47 -36.77 17.88
C4 NAG F . 26.09 -37.94 18.82
C5 NAG F . 24.86 -37.51 19.68
C6 NAG F . 24.46 -38.59 20.69
C7 NAG F . 28.03 -33.44 18.09
C8 NAG F . 28.19 -32.34 17.09
N2 NAG F . 27.10 -34.36 17.84
O3 NAG F . 27.61 -37.12 17.09
O4 NAG F . 25.78 -39.09 18.04
O5 NAG F . 25.20 -36.29 20.45
O6 NAG F . 23.14 -38.38 21.17
O7 NAG F . 28.73 -33.48 19.12
C1 NAG G . -5.24 8.95 40.87
C2 NAG G . -4.60 9.90 41.95
C3 NAG G . -5.74 10.50 42.81
C4 NAG G . -6.73 11.28 41.90
C5 NAG G . -7.29 10.29 40.84
C6 NAG G . -8.24 10.97 39.84
C7 NAG G . -2.36 9.20 42.73
C8 NAG G . -1.57 8.33 43.66
N2 NAG G . -3.67 9.12 42.80
O3 NAG G . -5.18 11.39 43.80
O4 NAG G . -7.84 11.77 42.70
O5 NAG G . -6.18 9.70 40.06
O6 NAG G . -9.14 10.03 39.28
O7 NAG G . -1.79 9.97 41.94
C1 NAG G . -7.88 13.27 42.78
C2 NAG G . -9.26 13.76 43.36
C3 NAG G . -9.28 15.32 43.34
C4 NAG G . -8.09 15.86 44.18
C5 NAG G . -6.76 15.31 43.57
C6 NAG G . -5.53 15.74 44.37
C7 NAG G . -11.26 12.51 41.93
C8 NAG G . -11.33 11.02 42.19
N2 NAG G . -10.36 13.27 42.53
O3 NAG G . -10.51 15.78 43.91
O4 NAG G . -8.11 17.28 44.15
O5 NAG G . -6.79 13.84 43.56
O6 NAG G . -5.21 17.11 44.15
O7 NAG G . -12.05 13.05 41.16
C1 NAG H . 5.09 -14.59 33.48
C2 NAG H . 4.20 -15.88 33.73
C3 NAG H . 4.54 -16.41 35.16
C4 NAG H . 6.05 -16.76 35.26
C5 NAG H . 6.86 -15.48 34.92
C6 NAG H . 8.36 -15.76 34.89
C7 NAG H . 1.81 -16.35 33.26
C8 NAG H . 0.42 -15.79 33.24
N2 NAG H . 2.78 -15.52 33.65
O3 NAG H . 3.76 -17.59 35.43
O4 NAG H . 6.31 -17.10 36.64
O5 NAG H . 6.49 -14.96 33.59
O6 NAG H . 9.10 -14.58 34.65
O7 NAG H . 2.04 -17.52 32.93
C1 NAG H . 6.95 -18.44 36.84
C2 NAG H . 7.58 -18.54 38.27
C3 NAG H . 8.30 -19.90 38.39
C4 NAG H . 7.29 -21.04 38.14
C5 NAG H . 6.68 -20.87 36.72
C6 NAG H . 5.60 -21.91 36.41
C7 NAG H . 8.53 -16.59 39.47
C8 NAG H . 9.60 -15.53 39.50
N2 NAG H . 8.55 -17.45 38.45
O3 NAG H . 8.85 -20.03 39.72
O4 NAG H . 7.97 -22.30 38.25
O5 NAG H . 6.04 -19.55 36.62
O6 NAG H . 6.15 -23.22 36.29
O7 NAG H . 7.68 -16.66 40.36
CA CA I . -10.35 23.98 -7.29
CA CA J . -22.37 18.49 -6.20
CA CA K . -27.67 9.27 -14.35
CA CA L . -0.43 22.35 -17.86
C1 NAG M . 8.12 23.84 -20.08
C2 NAG M . 9.53 24.55 -20.03
C3 NAG M . 9.44 25.77 -19.07
C4 NAG M . 8.34 26.74 -19.59
C5 NAG M . 6.98 25.97 -19.66
C6 NAG M . 5.86 26.84 -20.20
C7 NAG M . 11.32 22.85 -20.30
C8 NAG M . 12.28 21.93 -19.62
N2 NAG M . 10.54 23.60 -19.52
O3 NAG M . 10.70 26.45 -19.03
O4 NAG M . 8.23 27.85 -18.70
O5 NAG M . 7.12 24.80 -20.54
O6 NAG M . 6.17 27.44 -21.45
O7 NAG M . 11.26 22.92 -21.54
CA CA N . 13.96 -8.15 -2.50
MG MG O . 18.96 -8.48 0.22
C1 NAG P . -6.28 12.11 31.15
C2 NAG P . -7.29 13.33 31.03
C3 NAG P . -6.48 14.58 30.58
C4 NAG P . -5.36 14.88 31.61
C5 NAG P . -4.44 13.65 31.70
C6 NAG P . -3.32 13.82 32.74
C7 NAG P . -9.55 12.62 30.29
C8 NAG P . -10.46 12.41 29.12
N2 NAG P . -8.32 13.04 30.02
O3 NAG P . -7.38 15.71 30.50
O4 NAG P . -4.63 16.03 31.20
O5 NAG P . -5.22 12.46 32.09
O6 NAG P . -2.21 12.99 32.44
O7 NAG P . -9.93 12.41 31.45
C1 NAG Q . 19.36 6.25 34.49
C2 NAG Q . 19.62 5.88 36.00
C3 NAG Q . 21.14 6.04 36.28
C4 NAG Q . 21.92 5.11 35.32
C5 NAG Q . 21.59 5.50 33.85
C6 NAG Q . 22.29 4.59 32.85
C7 NAG Q . 17.91 6.35 37.73
C8 NAG Q . 17.17 7.40 38.52
N2 NAG Q . 18.82 6.77 36.86
O3 NAG Q . 21.41 5.69 37.65
O4 NAG Q . 23.32 5.25 35.57
O5 NAG Q . 20.14 5.38 33.62
O6 NAG Q . 22.11 5.05 31.52
O7 NAG Q . 17.67 5.15 37.89
#